data_9MJ6
#
_entry.id   9MJ6
#
_cell.length_a   50.483
_cell.length_b   137.866
_cell.length_c   62.983
_cell.angle_alpha   90.00
_cell.angle_beta   108.30
_cell.angle_gamma   90.00
#
_symmetry.space_group_name_H-M   'P 1 21 1'
#
loop_
_entity.id
_entity.type
_entity.pdbx_description
1 polymer '7A03 Fab heavy chain'
2 polymer '7A03 Fab light chain'
#
loop_
_entity_poly.entity_id
_entity_poly.type
_entity_poly.pdbx_seq_one_letter_code
_entity_poly.pdbx_strand_id
1 'polypeptide(L)'
;QVQLVQSGAEVKKPGASVKVSCKASGYTFDDYYMHWVRQAPGQGLEWMGWMNPKTGGVNYAQRFQGRVTMTRDRSIDTAY
MELNSLRSDDTAMYYCARDYGGGYPLDFWGQGTLVTVFNQIKGPSVFPLAPSSKSTSGGTAALGCLVKDYFPEPVTVSWN
SGALTSGVHTFPAVLQSSGLYSLSSVVTVPSSSLGTQTYICNVNHKPSNTKVDKKVEPKSC
;
H,E
2 'polypeptide(L)'
;QSALTQPASVSGSPGQSITISCIGTSSDNVSWYQHHPGKAPKLMIYEVDNRPSGVSARFSGSKSGNTASLTISGLQAEDE
ADYYCSSYEVFGTGTKVTVLGQPKAAPSVTLFPPSSEELQANKATLVCLISDFYPGAVTVAWKADSSPVKAGVETTTPSK
QSNNKYAASSYLSLTPEQWKSHRSYSCQVTHEGSTVEKTVAPTEC
;
L,F
#
# COMPACT_ATOMS: atom_id res chain seq x y z
N GLN A 1 21.72 -17.37 -34.55
CA GLN A 1 20.93 -16.69 -33.54
C GLN A 1 21.80 -16.26 -32.36
N VAL A 2 21.52 -15.08 -31.82
CA VAL A 2 22.25 -14.52 -30.69
C VAL A 2 21.39 -14.67 -29.44
N GLN A 3 21.94 -15.30 -28.41
CA GLN A 3 21.23 -15.53 -27.16
C GLN A 3 22.07 -15.06 -25.99
N LEU A 4 21.41 -14.41 -25.04
CA LEU A 4 22.03 -14.00 -23.78
C LEU A 4 21.19 -14.55 -22.64
N VAL A 5 21.79 -15.38 -21.79
CA VAL A 5 21.09 -16.01 -20.67
C VAL A 5 21.69 -15.47 -19.37
N GLN A 6 20.83 -15.03 -18.46
CA GLN A 6 21.25 -14.44 -17.20
C GLN A 6 20.98 -15.41 -16.05
N SER A 7 21.53 -15.07 -14.89
CA SER A 7 21.43 -15.94 -13.73
C SER A 7 19.99 -15.99 -13.21
N GLY A 8 19.78 -16.83 -12.20
CA GLY A 8 18.47 -16.93 -11.60
C GLY A 8 18.16 -15.76 -10.68
N ALA A 9 16.87 -15.55 -10.44
CA ALA A 9 16.44 -14.49 -9.54
C ALA A 9 16.91 -14.78 -8.12
N GLU A 10 17.33 -13.73 -7.44
CA GLU A 10 17.88 -13.86 -6.09
C GLU A 10 17.25 -12.82 -5.17
N VAL A 11 17.06 -13.20 -3.91
CA VAL A 11 16.60 -12.31 -2.86
C VAL A 11 17.71 -12.17 -1.83
N LYS A 12 18.04 -10.94 -1.47
CA LYS A 12 19.21 -10.65 -0.64
C LYS A 12 18.84 -9.70 0.49
N LYS A 13 19.59 -9.82 1.58
CA LYS A 13 19.53 -8.92 2.73
C LYS A 13 20.26 -7.61 2.40
N PRO A 14 19.82 -6.50 2.98
CA PRO A 14 20.59 -5.26 2.84
C PRO A 14 22.02 -5.44 3.34
N GLY A 15 22.96 -4.79 2.66
CA GLY A 15 24.36 -4.92 2.98
C GLY A 15 25.06 -6.10 2.32
N ALA A 16 24.31 -7.02 1.73
CA ALA A 16 24.89 -8.16 1.05
C ALA A 16 25.31 -7.78 -0.37
N SER A 17 25.93 -8.73 -1.07
CA SER A 17 26.38 -8.52 -2.44
C SER A 17 25.69 -9.52 -3.35
N VAL A 18 25.36 -9.07 -4.56
CA VAL A 18 24.73 -9.91 -5.57
C VAL A 18 25.54 -9.80 -6.85
N LYS A 19 25.84 -10.94 -7.46
CA LYS A 19 26.58 -10.99 -8.72
C LYS A 19 25.71 -11.69 -9.75
N VAL A 20 25.32 -10.95 -10.79
CA VAL A 20 24.46 -11.46 -11.85
C VAL A 20 25.31 -11.86 -13.04
N SER A 21 25.16 -13.10 -13.50
CA SER A 21 25.90 -13.60 -14.64
C SER A 21 25.15 -13.32 -15.93
N CYS A 22 25.89 -13.34 -17.05
CA CYS A 22 25.32 -13.05 -18.35
C CYS A 22 26.16 -13.77 -19.40
N LYS A 23 25.69 -14.94 -19.84
CA LYS A 23 26.44 -15.75 -20.80
C LYS A 23 25.97 -15.44 -22.21
N ALA A 24 26.92 -15.17 -23.10
CA ALA A 24 26.63 -14.79 -24.47
C ALA A 24 26.83 -15.98 -25.41
N SER A 25 26.00 -16.05 -26.44
CA SER A 25 26.07 -17.13 -27.42
C SER A 25 25.68 -16.60 -28.78
N GLY A 26 26.21 -17.23 -29.82
CA GLY A 26 25.89 -16.86 -31.19
C GLY A 26 26.69 -15.71 -31.77
N TYR A 27 27.64 -15.17 -31.02
CA TYR A 27 28.47 -14.08 -31.54
C TYR A 27 29.79 -14.05 -30.78
N THR A 28 30.76 -13.36 -31.36
CA THR A 28 32.06 -13.19 -30.72
C THR A 28 31.92 -12.24 -29.54
N PHE A 29 32.07 -12.78 -28.32
CA PHE A 29 31.80 -12.02 -27.10
C PHE A 29 32.72 -10.81 -26.95
N ASP A 30 33.90 -10.82 -27.56
CA ASP A 30 34.86 -9.76 -27.36
C ASP A 30 34.59 -8.52 -28.20
N ASP A 31 33.86 -8.65 -29.31
CA ASP A 31 33.75 -7.58 -30.29
C ASP A 31 32.66 -6.56 -29.99
N TYR A 32 31.92 -6.73 -28.89
CA TYR A 32 30.82 -5.83 -28.58
C TYR A 32 30.84 -5.49 -27.09
N TYR A 33 30.53 -4.23 -26.78
CA TYR A 33 30.44 -3.80 -25.39
C TYR A 33 29.25 -4.46 -24.71
N MET A 34 29.36 -4.62 -23.38
CA MET A 34 28.30 -5.19 -22.57
C MET A 34 27.84 -4.12 -21.57
N HIS A 35 26.65 -3.58 -21.79
CA HIS A 35 26.05 -2.62 -20.87
C HIS A 35 25.15 -3.34 -19.87
N TRP A 36 24.90 -2.67 -18.75
CA TRP A 36 24.02 -3.17 -17.71
C TRP A 36 23.01 -2.08 -17.36
N VAL A 37 21.73 -2.46 -17.32
CA VAL A 37 20.63 -1.51 -17.16
C VAL A 37 19.66 -2.04 -16.13
N ARG A 38 19.19 -1.15 -15.25
CA ARG A 38 18.17 -1.47 -14.27
C ARG A 38 16.79 -1.11 -14.80
N GLN A 39 15.76 -1.50 -14.05
CA GLN A 39 14.39 -1.09 -14.33
C GLN A 39 13.70 -0.42 -13.14
N ALA A 40 14.13 -0.71 -11.90
CA ALA A 40 13.63 -0.12 -10.67
C ALA A 40 12.18 -0.54 -10.42
N PRO A 41 11.71 -0.53 -9.16
CA PRO A 41 10.32 -0.96 -8.92
C PRO A 41 9.31 0.08 -9.36
N GLY A 42 8.66 -0.18 -10.49
CA GLY A 42 7.68 0.73 -11.04
C GLY A 42 8.23 1.95 -11.73
N GLN A 43 9.54 2.17 -11.71
CA GLN A 43 10.17 3.31 -12.36
C GLN A 43 10.70 2.91 -13.72
N GLY A 44 11.41 3.84 -14.37
CA GLY A 44 11.92 3.63 -15.71
C GLY A 44 13.29 2.98 -15.73
N LEU A 45 13.76 2.73 -16.95
CA LEU A 45 15.07 2.10 -17.14
C LEU A 45 16.19 3.06 -16.74
N GLU A 46 17.25 2.50 -16.16
CA GLU A 46 18.35 3.29 -15.65
C GLU A 46 19.67 2.66 -16.08
N TRP A 47 20.56 3.47 -16.66
CA TRP A 47 21.84 2.96 -17.14
C TRP A 47 22.83 2.87 -15.98
N MET A 48 23.42 1.68 -15.82
CA MET A 48 24.42 1.47 -14.78
C MET A 48 25.84 1.70 -15.30
N GLY A 49 26.18 1.07 -16.42
CA GLY A 49 27.49 1.23 -16.98
C GLY A 49 27.71 0.24 -18.12
N TRP A 50 28.95 0.20 -18.59
CA TRP A 50 29.34 -0.77 -19.61
C TRP A 50 30.75 -1.27 -19.32
N MET A 51 31.07 -2.42 -19.88
CA MET A 51 32.38 -3.05 -19.69
C MET A 51 32.87 -3.56 -21.04
N ASN A 52 34.05 -3.12 -21.45
CA ASN A 52 34.69 -3.68 -22.62
C ASN A 52 35.17 -5.08 -22.29
N PRO A 53 34.71 -6.12 -22.99
CA PRO A 53 35.13 -7.49 -22.66
C PRO A 53 36.53 -7.81 -23.19
N LYS A 54 36.90 -7.19 -24.30
CA LYS A 54 38.19 -7.49 -24.92
C LYS A 54 39.35 -7.03 -24.04
N THR A 55 39.23 -5.86 -23.40
CA THR A 55 40.31 -5.31 -22.59
C THR A 55 40.02 -5.30 -21.10
N GLY A 56 38.75 -5.20 -20.71
CA GLY A 56 38.38 -5.13 -19.31
C GLY A 56 38.05 -3.74 -18.80
N GLY A 57 38.22 -2.71 -19.60
CA GLY A 57 37.88 -1.36 -19.20
C GLY A 57 36.41 -1.21 -18.86
N VAL A 58 36.12 -0.53 -17.75
CA VAL A 58 34.74 -0.37 -17.27
C VAL A 58 34.44 1.11 -17.10
N ASN A 59 33.23 1.50 -17.49
CA ASN A 59 32.71 2.84 -17.25
C ASN A 59 31.44 2.71 -16.43
N TYR A 60 31.34 3.50 -15.36
CA TYR A 60 30.22 3.43 -14.45
C TYR A 60 29.50 4.77 -14.36
N ALA A 61 28.22 4.71 -14.06
CA ALA A 61 27.44 5.93 -13.84
C ALA A 61 27.89 6.61 -12.54
N GLN A 62 27.72 7.93 -12.51
CA GLN A 62 28.19 8.72 -11.37
C GLN A 62 27.49 8.33 -10.06
N ARG A 63 26.30 7.74 -10.14
CA ARG A 63 25.57 7.33 -8.94
C ARG A 63 25.91 5.92 -8.49
N PHE A 64 26.66 5.15 -9.28
CA PHE A 64 27.03 3.79 -8.90
C PHE A 64 28.53 3.59 -8.73
N GLN A 65 29.35 4.62 -8.95
CA GLN A 65 30.79 4.48 -8.77
C GLN A 65 31.11 4.15 -7.31
N GLY A 66 31.95 3.14 -7.11
CA GLY A 66 32.29 2.69 -5.79
C GLY A 66 31.38 1.61 -5.23
N ARG A 67 30.29 1.29 -5.91
CA ARG A 67 29.37 0.25 -5.47
C ARG A 67 29.25 -0.91 -6.45
N VAL A 68 29.51 -0.69 -7.73
CA VAL A 68 29.32 -1.70 -8.77
C VAL A 68 30.67 -2.05 -9.37
N THR A 69 30.89 -3.33 -9.62
CA THR A 69 32.10 -3.83 -10.27
C THR A 69 31.71 -4.83 -11.35
N MET A 70 32.06 -4.55 -12.58
CA MET A 70 31.72 -5.39 -13.73
C MET A 70 32.97 -6.11 -14.21
N THR A 71 32.96 -7.44 -14.09
CA THR A 71 34.04 -8.29 -14.58
C THR A 71 33.49 -9.20 -15.67
N ARG A 72 34.38 -9.95 -16.32
CA ARG A 72 33.97 -10.90 -17.33
C ARG A 72 34.96 -12.05 -17.37
N ASP A 73 34.50 -13.18 -17.88
CA ASP A 73 35.32 -14.39 -18.02
C ASP A 73 35.30 -14.79 -19.50
N ARG A 74 36.37 -14.45 -20.22
CA ARG A 74 36.43 -14.71 -21.65
C ARG A 74 36.53 -16.20 -21.97
N SER A 75 36.87 -17.04 -20.97
CA SER A 75 36.96 -18.47 -21.20
C SER A 75 35.60 -19.08 -21.54
N ILE A 76 34.51 -18.48 -21.06
CA ILE A 76 33.18 -19.02 -21.25
C ILE A 76 32.25 -17.96 -21.81
N ASP A 77 32.82 -16.85 -22.31
CA ASP A 77 32.08 -15.79 -22.99
C ASP A 77 30.95 -15.24 -22.13
N THR A 78 31.22 -15.03 -20.84
CA THR A 78 30.23 -14.53 -19.91
C THR A 78 30.68 -13.22 -19.29
N ALA A 79 29.71 -12.38 -18.96
CA ALA A 79 29.92 -11.11 -18.28
C ALA A 79 29.28 -11.17 -16.89
N TYR A 80 29.72 -10.27 -16.03
CA TYR A 80 29.24 -10.22 -14.65
C TYR A 80 29.01 -8.78 -14.23
N MET A 81 28.05 -8.59 -13.33
CA MET A 81 27.79 -7.31 -12.69
C MET A 81 27.53 -7.58 -11.22
N GLU A 82 28.23 -6.86 -10.35
CA GLU A 82 28.12 -7.06 -8.91
C GLU A 82 27.76 -5.75 -8.23
N LEU A 83 26.83 -5.80 -7.28
CA LEU A 83 26.47 -4.66 -6.46
C LEU A 83 26.84 -4.95 -5.01
N ASN A 84 27.54 -4.01 -4.38
CA ASN A 84 27.99 -4.15 -3.01
C ASN A 84 27.19 -3.20 -2.11
N SER A 85 26.94 -3.66 -0.89
CA SER A 85 26.15 -2.91 0.09
C SER A 85 24.78 -2.56 -0.49
N LEU A 86 24.01 -3.61 -0.78
CA LEU A 86 22.68 -3.42 -1.33
C LEU A 86 21.81 -2.60 -0.40
N ARG A 87 21.16 -1.58 -0.94
CA ARG A 87 20.23 -0.76 -0.19
C ARG A 87 18.80 -1.18 -0.51
N SER A 88 17.85 -0.59 0.23
CA SER A 88 16.45 -0.89 -0.01
C SER A 88 16.00 -0.47 -1.41
N ASP A 89 16.64 0.56 -1.96
CA ASP A 89 16.35 0.99 -3.32
C ASP A 89 16.78 -0.03 -4.37
N ASP A 90 17.75 -0.89 -4.04
CA ASP A 90 18.39 -1.72 -5.05
C ASP A 90 17.51 -2.83 -5.59
N THR A 91 16.35 -3.08 -5.00
CA THR A 91 15.45 -4.09 -5.55
C THR A 91 14.93 -3.64 -6.91
N ALA A 92 15.27 -4.37 -7.96
CA ALA A 92 14.95 -3.96 -9.32
C ALA A 92 15.14 -5.16 -10.25
N MET A 93 14.95 -4.91 -11.54
CA MET A 93 15.26 -5.87 -12.59
C MET A 93 16.55 -5.47 -13.28
N TYR A 94 17.50 -6.40 -13.36
CA TYR A 94 18.83 -6.12 -13.89
C TYR A 94 19.00 -6.86 -15.22
N TYR A 95 19.27 -6.12 -16.28
CA TYR A 95 19.43 -6.65 -17.62
C TYR A 95 20.85 -6.43 -18.10
N CYS A 96 21.40 -7.41 -18.82
CA CYS A 96 22.65 -7.23 -19.54
C CYS A 96 22.31 -7.08 -21.02
N ALA A 97 22.89 -6.06 -21.65
CA ALA A 97 22.52 -5.69 -23.00
C ALA A 97 23.77 -5.46 -23.85
N ARG A 98 23.72 -5.92 -25.10
CA ARG A 98 24.87 -5.86 -25.99
C ARG A 98 24.84 -4.58 -26.82
N ASP A 99 26.00 -3.93 -26.91
CA ASP A 99 26.15 -2.69 -27.66
C ASP A 99 26.71 -2.99 -29.04
N TYR A 100 26.02 -2.51 -30.07
CA TYR A 100 26.44 -2.70 -31.46
C TYR A 100 27.37 -1.56 -31.84
N GLY A 101 28.68 -1.79 -31.74
CA GLY A 101 29.64 -0.77 -32.05
C GLY A 101 29.73 0.29 -30.95
N GLY A 102 30.24 1.45 -31.34
CA GLY A 102 30.38 2.57 -30.43
C GLY A 102 29.09 3.35 -30.28
N GLY A 103 29.20 4.50 -29.63
CA GLY A 103 28.02 5.31 -29.38
C GLY A 103 27.07 4.58 -28.44
N TYR A 104 25.80 4.54 -28.81
CA TYR A 104 24.82 3.83 -27.98
C TYR A 104 23.64 3.26 -28.76
N PRO A 105 23.85 2.43 -29.80
CA PRO A 105 22.76 1.58 -30.29
C PRO A 105 22.72 0.24 -29.58
N LEU A 106 21.60 -0.10 -28.94
CA LEU A 106 21.49 -1.37 -28.24
C LEU A 106 20.85 -2.42 -29.13
N ASP A 107 21.27 -3.68 -28.93
CA ASP A 107 20.87 -4.75 -29.83
C ASP A 107 20.03 -5.81 -29.13
N PHE A 108 20.53 -6.42 -28.06
CA PHE A 108 19.83 -7.48 -27.35
C PHE A 108 19.90 -7.21 -25.86
N TRP A 109 18.95 -7.79 -25.12
CA TRP A 109 18.85 -7.56 -23.68
C TRP A 109 18.82 -8.84 -22.85
N GLY A 110 18.97 -10.01 -23.47
CA GLY A 110 18.99 -11.27 -22.72
C GLY A 110 17.64 -11.67 -22.16
N GLN A 111 17.54 -11.79 -20.82
CA GLN A 111 16.26 -12.04 -20.17
C GLN A 111 15.98 -11.14 -18.96
N GLY A 112 16.99 -10.64 -18.26
CA GLY A 112 16.77 -9.92 -17.03
C GLY A 112 16.72 -10.83 -15.82
N THR A 113 17.06 -10.25 -14.67
CA THR A 113 17.01 -10.95 -13.38
C THR A 113 16.33 -10.08 -12.35
N LEU A 114 15.73 -10.71 -11.35
CA LEU A 114 15.09 -10.00 -10.25
C LEU A 114 15.96 -10.14 -9.01
N VAL A 115 16.54 -9.03 -8.56
CA VAL A 115 17.34 -9.00 -7.34
C VAL A 115 16.52 -8.24 -6.30
N THR A 116 15.78 -8.97 -5.48
CA THR A 116 14.91 -8.38 -4.48
C THR A 116 15.69 -8.15 -3.19
N VAL A 117 15.62 -6.92 -2.68
CA VAL A 117 16.29 -6.56 -1.43
C VAL A 117 15.21 -6.27 -0.41
N PHE A 118 15.01 -7.18 0.53
CA PHE A 118 13.91 -7.03 1.48
C PHE A 118 14.22 -5.95 2.51
N ASN A 119 13.16 -5.41 3.10
CA ASN A 119 13.29 -4.35 4.08
C ASN A 119 13.66 -4.91 5.45
N GLN A 120 14.51 -4.18 6.16
CA GLN A 120 14.91 -4.52 7.52
C GLN A 120 14.51 -3.40 8.47
N ILE A 121 14.63 -3.67 9.76
CA ILE A 121 14.35 -2.66 10.77
C ILE A 121 15.42 -1.58 10.67
N LYS A 122 15.00 -0.35 10.38
CA LYS A 122 15.91 0.77 10.26
C LYS A 122 15.40 1.95 11.08
N GLY A 123 16.32 2.65 11.73
CA GLY A 123 15.99 3.85 12.47
C GLY A 123 15.88 5.05 11.55
N PRO A 124 14.96 5.95 11.86
CA PRO A 124 14.75 7.13 11.02
C PRO A 124 15.91 8.10 11.10
N SER A 125 16.09 8.85 10.02
CA SER A 125 17.04 9.96 9.97
C SER A 125 16.25 11.25 10.13
N VAL A 126 16.48 11.97 11.22
CA VAL A 126 15.71 13.16 11.58
C VAL A 126 16.55 14.39 11.26
N PHE A 127 16.01 15.26 10.41
CA PHE A 127 16.68 16.49 10.01
C PHE A 127 15.76 17.67 10.25
N PRO A 128 16.32 18.84 10.51
CA PRO A 128 15.48 20.04 10.74
C PRO A 128 14.93 20.59 9.44
N LEU A 129 13.93 21.45 9.58
CA LEU A 129 13.32 22.18 8.45
C LEU A 129 13.29 23.65 8.85
N ALA A 130 14.27 24.41 8.35
CA ALA A 130 14.39 25.81 8.72
C ALA A 130 13.25 26.63 8.09
N PRO A 131 12.78 27.68 8.79
CA PRO A 131 11.75 28.58 8.27
C PRO A 131 12.25 29.49 7.16
N THR A 140 4.01 35.27 10.78
CA THR A 140 3.71 33.85 10.84
C THR A 140 4.69 33.05 10.00
N ALA A 141 5.35 32.08 10.62
CA ALA A 141 6.33 31.24 9.94
C ALA A 141 6.11 29.78 10.32
N ALA A 142 6.52 28.88 9.43
CA ALA A 142 6.36 27.45 9.62
C ALA A 142 7.72 26.76 9.63
N LEU A 143 7.92 25.89 10.62
CA LEU A 143 9.13 25.09 10.72
C LEU A 143 8.75 23.68 11.17
N GLY A 144 9.57 22.72 10.80
CA GLY A 144 9.25 21.34 11.11
C GLY A 144 10.47 20.46 11.16
N CYS A 145 10.22 19.15 11.15
CA CYS A 145 11.28 18.14 11.15
C CYS A 145 10.95 17.06 10.15
N LEU A 146 11.98 16.63 9.41
CA LEU A 146 11.84 15.56 8.43
C LEU A 146 12.29 14.25 9.04
N VAL A 147 11.46 13.22 8.92
CA VAL A 147 11.72 11.89 9.43
C VAL A 147 11.79 10.96 8.21
N LYS A 148 13.00 10.60 7.80
CA LYS A 148 13.22 9.94 6.52
C LYS A 148 13.78 8.54 6.70
N ASP A 149 13.31 7.62 5.86
CA ASP A 149 13.88 6.28 5.70
C ASP A 149 13.85 5.49 7.03
N TYR A 150 12.63 5.21 7.48
CA TYR A 150 12.43 4.35 8.64
C TYR A 150 11.51 3.19 8.27
N PHE A 151 11.62 2.12 9.04
CA PHE A 151 10.82 0.92 8.81
C PHE A 151 10.73 0.10 10.09
N PRO A 152 9.52 -0.36 10.47
CA PRO A 152 8.22 -0.12 9.84
C PRO A 152 7.41 0.92 10.59
N GLU A 153 6.15 1.12 10.22
CA GLU A 153 5.29 2.06 10.93
C GLU A 153 5.07 1.59 12.37
N PRO A 154 4.79 2.51 13.30
CA PRO A 154 4.71 3.96 13.15
C PRO A 154 5.88 4.73 13.78
N VAL A 155 5.82 6.06 13.72
CA VAL A 155 6.74 6.92 14.46
C VAL A 155 5.91 7.94 15.24
N THR A 156 6.50 8.45 16.31
CA THR A 156 5.84 9.40 17.20
C THR A 156 6.70 10.64 17.32
N VAL A 157 6.12 11.80 17.01
CA VAL A 157 6.82 13.07 17.04
C VAL A 157 6.09 14.00 18.01
N SER A 158 6.84 14.55 18.98
CA SER A 158 6.30 15.49 19.95
C SER A 158 7.23 16.68 20.06
N TRP A 159 6.67 17.88 20.07
CA TRP A 159 7.44 19.12 20.07
C TRP A 159 7.58 19.65 21.48
N ASN A 160 8.82 19.99 21.86
CA ASN A 160 9.14 20.53 23.18
C ASN A 160 8.64 19.60 24.28
N SER A 161 8.81 18.30 24.07
CA SER A 161 8.42 17.26 25.05
C SER A 161 6.94 17.37 25.41
N GLY A 162 6.10 17.59 24.40
CA GLY A 162 4.66 17.68 24.59
C GLY A 162 4.15 19.01 25.09
N ALA A 163 5.04 19.99 25.31
CA ALA A 163 4.58 21.30 25.76
C ALA A 163 3.94 22.10 24.63
N LEU A 164 4.44 21.94 23.40
CA LEU A 164 3.93 22.65 22.23
C LEU A 164 2.93 21.75 21.52
N THR A 165 1.65 22.11 21.61
CA THR A 165 0.58 21.34 20.99
C THR A 165 -0.27 22.15 20.00
N SER A 166 -0.08 23.46 19.94
CA SER A 166 -0.88 24.32 19.07
C SER A 166 -0.21 24.45 17.70
N GLY A 167 -1.01 24.32 16.65
CA GLY A 167 -0.50 24.46 15.30
C GLY A 167 0.38 23.34 14.82
N VAL A 168 0.27 22.16 15.43
CA VAL A 168 1.12 21.02 15.09
C VAL A 168 0.33 20.11 14.16
N HIS A 169 0.89 19.85 12.97
CA HIS A 169 0.27 18.96 11.99
C HIS A 169 1.34 18.00 11.49
N THR A 170 1.20 16.72 11.84
CA THR A 170 2.11 15.67 11.41
C THR A 170 1.47 14.93 10.25
N PHE A 171 1.98 15.16 9.05
CA PHE A 171 1.37 14.59 7.85
C PHE A 171 1.58 13.08 7.81
N PRO A 172 0.66 12.34 7.19
CA PRO A 172 0.82 10.89 7.08
C PRO A 172 2.05 10.52 6.26
N ALA A 173 2.59 9.34 6.55
CA ALA A 173 3.81 8.90 5.90
C ALA A 173 3.56 8.51 4.45
N VAL A 174 4.65 8.39 3.70
CA VAL A 174 4.62 8.00 2.29
C VAL A 174 5.47 6.74 2.13
N LEU A 175 4.92 5.76 1.41
CA LEU A 175 5.64 4.51 1.14
C LEU A 175 6.47 4.71 -0.12
N GLN A 176 7.79 4.85 0.06
CA GLN A 176 8.68 5.12 -1.06
C GLN A 176 8.84 3.87 -1.92
N SER A 177 9.48 4.05 -3.07
CA SER A 177 9.72 2.92 -3.98
C SER A 177 10.62 1.88 -3.34
N SER A 178 11.54 2.30 -2.47
CA SER A 178 12.39 1.34 -1.77
C SER A 178 11.59 0.45 -0.83
N GLY A 179 10.45 0.96 -0.33
CA GLY A 179 9.66 0.26 0.66
C GLY A 179 9.72 0.89 2.04
N LEU A 180 10.63 1.83 2.27
CA LEU A 180 10.71 2.52 3.54
C LEU A 180 9.66 3.62 3.62
N TYR A 181 9.48 4.15 4.82
CA TYR A 181 8.52 5.22 5.08
C TYR A 181 9.24 6.53 5.37
N SER A 182 8.62 7.63 4.99
CA SER A 182 9.09 8.96 5.31
C SER A 182 7.90 9.80 5.77
N LEU A 183 8.16 10.71 6.72
CA LEU A 183 7.11 11.47 7.36
C LEU A 183 7.64 12.86 7.68
N SER A 184 6.72 13.83 7.75
CA SER A 184 7.06 15.20 8.12
C SER A 184 6.09 15.71 9.17
N SER A 185 6.59 16.58 10.03
CA SER A 185 5.79 17.19 11.09
C SER A 185 6.21 18.64 11.23
N VAL A 186 5.28 19.56 10.99
CA VAL A 186 5.57 20.99 11.03
C VAL A 186 4.67 21.64 12.08
N VAL A 187 5.16 22.75 12.64
CA VAL A 187 4.41 23.55 13.59
C VAL A 187 4.37 24.98 13.08
N THR A 188 3.33 25.71 13.48
CA THR A 188 3.14 27.10 13.09
C THR A 188 3.33 27.98 14.31
N VAL A 189 4.29 28.90 14.24
CA VAL A 189 4.66 29.73 15.39
C VAL A 189 4.77 31.17 14.92
N PRO A 190 4.64 32.14 15.83
CA PRO A 190 4.84 33.54 15.45
C PRO A 190 6.25 33.79 14.96
N SER A 191 6.37 34.71 14.00
CA SER A 191 7.67 35.04 13.43
C SER A 191 8.56 35.82 14.39
N SER A 192 8.01 36.31 15.51
CA SER A 192 8.77 37.11 16.46
C SER A 192 9.52 36.27 17.48
N SER A 193 9.37 34.95 17.46
CA SER A 193 10.03 34.06 18.42
C SER A 193 11.00 33.11 17.74
N LEU A 194 11.38 33.38 16.49
CA LEU A 194 12.30 32.49 15.79
C LEU A 194 13.68 32.51 16.41
N GLY A 195 14.21 33.71 16.67
CA GLY A 195 15.50 33.84 17.32
C GLY A 195 15.38 33.91 18.82
N THR A 196 14.21 33.51 19.34
CA THR A 196 13.89 33.66 20.75
C THR A 196 13.77 32.32 21.47
N GLN A 197 12.88 31.45 21.01
CA GLN A 197 12.62 30.18 21.69
C GLN A 197 13.00 29.03 20.77
N THR A 198 13.75 28.08 21.33
CA THR A 198 14.12 26.90 20.57
C THR A 198 12.90 26.00 20.35
N TYR A 199 12.89 25.32 19.21
CA TYR A 199 11.83 24.36 18.87
C TYR A 199 12.49 23.01 18.63
N ILE A 200 12.24 22.07 19.54
CA ILE A 200 12.86 20.74 19.50
C ILE A 200 11.79 19.73 19.15
N CYS A 201 12.09 18.86 18.18
CA CYS A 201 11.20 17.78 17.80
C CYS A 201 11.75 16.48 18.38
N ASN A 202 10.93 15.79 19.16
CA ASN A 202 11.29 14.51 19.78
C ASN A 202 10.66 13.39 18.96
N VAL A 203 11.50 12.62 18.27
CA VAL A 203 11.05 11.55 17.39
C VAL A 203 11.32 10.22 18.08
N ASN A 204 10.32 9.34 18.09
CA ASN A 204 10.44 8.01 18.67
C ASN A 204 10.05 6.98 17.62
N HIS A 205 10.91 5.98 17.44
CA HIS A 205 10.63 4.82 16.58
C HIS A 205 10.88 3.59 17.44
N LYS A 206 9.86 3.17 18.18
CA LYS A 206 9.99 2.02 19.05
C LYS A 206 10.42 0.74 18.33
N PRO A 207 9.95 0.43 17.11
CA PRO A 207 10.43 -0.79 16.44
C PRO A 207 11.95 -0.89 16.33
N SER A 208 12.63 0.21 16.03
CA SER A 208 14.09 0.22 16.02
C SER A 208 14.69 0.67 17.33
N ASN A 209 13.85 0.97 18.33
CA ASN A 209 14.29 1.46 19.63
C ASN A 209 15.18 2.69 19.46
N THR A 210 14.60 3.73 18.86
CA THR A 210 15.34 4.93 18.47
C THR A 210 14.61 6.16 19.00
N LYS A 211 15.24 6.88 19.92
CA LYS A 211 14.72 8.14 20.42
C LYS A 211 15.72 9.24 20.09
N VAL A 212 15.30 10.22 19.31
CA VAL A 212 16.18 11.27 18.79
C VAL A 212 15.54 12.62 19.01
N ASP A 213 16.33 13.59 19.49
CA ASP A 213 15.91 14.97 19.64
C ASP A 213 16.72 15.84 18.69
N LYS A 214 16.04 16.66 17.91
CA LYS A 214 16.70 17.54 16.94
C LYS A 214 16.22 18.97 17.14
N LYS A 215 17.15 19.90 16.92
CA LYS A 215 16.89 21.32 17.13
C LYS A 215 16.62 21.99 15.79
N VAL A 216 15.46 22.65 15.69
CA VAL A 216 15.06 23.35 14.48
C VAL A 216 15.34 24.84 14.67
N GLU A 217 16.29 25.37 13.90
CA GLU A 217 16.65 26.77 13.96
C GLU A 217 16.90 27.27 12.54
N PRO A 218 16.65 28.56 12.27
CA PRO A 218 16.87 29.16 10.94
C PRO A 218 18.32 29.06 10.47
N ALA B 3 16.58 14.76 -19.60
CA ALA B 3 15.30 14.24 -19.15
C ALA B 3 14.32 14.10 -20.32
N LEU B 4 14.19 12.87 -20.82
CA LEU B 4 13.29 12.57 -21.92
C LEU B 4 11.91 12.25 -21.37
N THR B 5 10.89 12.98 -21.84
CA THR B 5 9.55 12.91 -21.29
C THR B 5 8.64 12.12 -22.21
N GLN B 6 7.98 11.11 -21.66
CA GLN B 6 7.01 10.29 -22.37
C GLN B 6 5.65 10.37 -21.68
N PRO B 7 4.56 10.18 -22.41
CA PRO B 7 3.24 10.13 -21.77
C PRO B 7 3.15 8.97 -20.80
N ALA B 8 2.38 9.18 -19.72
CA ALA B 8 2.24 8.15 -18.71
C ALA B 8 1.63 6.88 -19.27
N SER B 9 0.58 7.01 -20.08
CA SER B 9 -0.08 5.85 -20.66
C SER B 9 -0.80 6.28 -21.94
N VAL B 10 -1.02 5.30 -22.81
CA VAL B 10 -1.78 5.50 -24.04
C VAL B 10 -2.71 4.32 -24.22
N SER B 11 -3.93 4.59 -24.69
CA SER B 11 -4.93 3.57 -24.93
C SER B 11 -5.34 3.60 -26.40
N GLY B 12 -5.83 2.46 -26.88
CA GLY B 12 -6.26 2.35 -28.26
C GLY B 12 -7.23 1.22 -28.50
N SER B 13 -7.11 0.58 -29.67
CA SER B 13 -7.94 -0.53 -30.10
C SER B 13 -7.36 -1.06 -31.41
N PRO B 14 -7.78 -2.23 -31.90
CA PRO B 14 -7.29 -2.70 -33.20
C PRO B 14 -7.49 -1.67 -34.32
N GLY B 15 -6.37 -1.19 -34.87
CA GLY B 15 -6.39 -0.20 -35.92
C GLY B 15 -6.44 1.24 -35.47
N GLN B 16 -6.29 1.51 -34.17
CA GLN B 16 -6.38 2.87 -33.67
C GLN B 16 -5.23 3.73 -34.19
N SER B 17 -4.04 3.16 -34.32
CA SER B 17 -2.87 3.85 -34.85
C SER B 17 -2.48 5.06 -33.99
N ILE B 18 -2.12 4.76 -32.74
CA ILE B 18 -1.71 5.80 -31.79
C ILE B 18 -0.21 6.04 -31.95
N THR B 19 0.23 7.22 -31.53
CA THR B 19 1.63 7.63 -31.61
C THR B 19 2.13 7.98 -30.21
N ILE B 20 3.35 7.53 -29.90
CA ILE B 20 3.98 7.78 -28.61
C ILE B 20 4.99 8.91 -28.76
N SER B 21 4.90 9.91 -27.88
CA SER B 21 5.75 11.08 -27.96
C SER B 21 6.97 10.93 -27.05
N CYS B 22 8.12 11.39 -27.54
CA CYS B 22 9.39 11.39 -26.80
C CYS B 22 9.91 12.82 -26.80
N ILE B 23 9.51 13.59 -25.79
CA ILE B 23 9.84 15.01 -25.72
C ILE B 23 11.27 15.17 -25.21
N GLY B 24 11.94 16.23 -25.69
CA GLY B 24 13.24 16.59 -25.17
C GLY B 24 14.43 15.88 -25.77
N THR B 25 14.22 15.09 -26.82
CA THR B 25 15.33 14.36 -27.42
C THR B 25 16.14 15.25 -28.34
N SER B 26 17.44 14.99 -28.39
CA SER B 26 18.34 15.69 -29.29
C SER B 26 18.26 15.09 -30.70
N SER B 27 18.87 15.79 -31.65
CA SER B 27 18.87 15.32 -33.03
C SER B 27 19.67 14.03 -33.17
N ASP B 28 19.13 13.09 -33.94
CA ASP B 28 19.77 11.83 -34.27
C ASP B 28 19.95 10.92 -33.05
N ASN B 29 20.22 9.64 -33.30
CA ASN B 29 20.46 8.64 -32.25
C ASN B 29 19.29 8.57 -31.27
N VAL B 30 18.13 8.19 -31.81
CA VAL B 30 16.92 7.97 -31.03
C VAL B 30 16.53 6.51 -31.16
N SER B 31 16.41 5.83 -30.03
CA SER B 31 16.16 4.39 -30.00
C SER B 31 14.86 4.12 -29.25
N TRP B 32 14.10 3.13 -29.72
CA TRP B 32 12.86 2.72 -29.09
C TRP B 32 12.94 1.25 -28.71
N TYR B 33 12.47 0.94 -27.50
CA TYR B 33 12.48 -0.42 -26.99
C TYR B 33 11.08 -0.80 -26.54
N GLN B 34 10.66 -2.01 -26.89
CA GLN B 34 9.40 -2.59 -26.44
C GLN B 34 9.69 -3.62 -25.37
N HIS B 35 9.04 -3.47 -24.21
CA HIS B 35 9.33 -4.31 -23.05
C HIS B 35 8.06 -4.97 -22.53
N HIS B 36 7.84 -6.23 -22.90
CA HIS B 36 6.83 -7.03 -22.24
C HIS B 36 7.35 -7.44 -20.87
N PRO B 37 6.65 -7.14 -19.77
CA PRO B 37 7.15 -7.50 -18.45
C PRO B 37 7.36 -9.01 -18.33
N GLY B 38 8.44 -9.39 -17.66
CA GLY B 38 8.82 -10.78 -17.54
C GLY B 38 9.73 -11.28 -18.64
N LYS B 39 9.95 -10.49 -19.69
CA LYS B 39 10.88 -10.84 -20.75
C LYS B 39 11.70 -9.60 -21.11
N ALA B 40 12.86 -9.84 -21.72
CA ALA B 40 13.79 -8.76 -22.00
C ALA B 40 13.19 -7.80 -23.04
N PRO B 41 13.44 -6.50 -22.90
CA PRO B 41 13.01 -5.55 -23.93
C PRO B 41 13.72 -5.78 -25.25
N LYS B 42 13.00 -5.51 -26.34
CA LYS B 42 13.50 -5.72 -27.68
C LYS B 42 13.49 -4.40 -28.44
N LEU B 43 14.60 -4.11 -29.12
CA LEU B 43 14.72 -2.86 -29.87
C LEU B 43 13.78 -2.85 -31.07
N MET B 44 13.23 -1.68 -31.35
CA MET B 44 12.30 -1.49 -32.46
C MET B 44 12.76 -0.45 -33.47
N ILE B 45 13.40 0.63 -33.01
CA ILE B 45 13.88 1.70 -33.88
C ILE B 45 15.32 2.03 -33.52
N TYR B 46 16.19 2.09 -34.52
CA TYR B 46 17.62 2.32 -34.27
C TYR B 46 17.94 3.80 -34.09
N GLU B 47 17.73 4.60 -35.13
CA GLU B 47 18.06 6.03 -35.10
C GLU B 47 16.98 6.76 -35.89
N VAL B 48 16.01 7.32 -35.15
CA VAL B 48 14.88 8.08 -35.69
C VAL B 48 13.89 7.16 -36.39
N ASP B 49 14.33 6.49 -37.46
CA ASP B 49 13.40 5.74 -38.29
C ASP B 49 13.87 4.36 -38.74
N ASN B 50 15.09 3.94 -38.40
CA ASN B 50 15.59 2.66 -38.89
C ASN B 50 14.93 1.49 -38.16
N ARG B 51 14.86 0.36 -38.84
CA ARG B 51 14.18 -0.83 -38.33
C ARG B 51 15.12 -2.03 -38.37
N PRO B 52 15.31 -2.74 -37.27
CA PRO B 52 16.09 -3.99 -37.32
C PRO B 52 15.41 -5.04 -38.18
N SER B 53 16.21 -5.90 -38.77
CA SER B 53 15.68 -7.00 -39.56
C SER B 53 14.85 -7.93 -38.70
N GLY B 54 13.68 -8.31 -39.20
CA GLY B 54 12.75 -9.15 -38.48
C GLY B 54 11.71 -8.41 -37.69
N VAL B 55 11.84 -7.09 -37.53
CA VAL B 55 10.80 -6.31 -36.88
C VAL B 55 9.66 -6.05 -37.87
N SER B 56 8.48 -5.77 -37.32
CA SER B 56 7.31 -5.52 -38.15
C SER B 56 7.37 -4.11 -38.74
N ALA B 57 6.93 -4.00 -40.00
CA ALA B 57 6.74 -2.69 -40.60
C ALA B 57 5.64 -1.91 -39.91
N ARG B 58 4.83 -2.57 -39.08
CA ARG B 58 3.78 -1.89 -38.33
C ARG B 58 4.35 -0.81 -37.42
N PHE B 59 5.62 -0.93 -37.02
CA PHE B 59 6.28 0.05 -36.16
C PHE B 59 7.18 0.94 -37.01
N SER B 60 6.97 2.25 -36.90
CA SER B 60 7.79 3.23 -37.61
C SER B 60 7.99 4.44 -36.72
N GLY B 61 9.20 5.00 -36.74
CA GLY B 61 9.52 6.16 -35.94
C GLY B 61 9.70 7.42 -36.77
N SER B 62 9.61 8.57 -36.12
CA SER B 62 9.74 9.85 -36.81
C SER B 62 10.16 10.91 -35.80
N LYS B 63 10.64 12.03 -36.33
CA LYS B 63 11.10 13.15 -35.50
C LYS B 63 10.56 14.45 -36.08
N SER B 64 9.75 15.15 -35.30
CA SER B 64 9.16 16.42 -35.72
C SER B 64 9.98 17.58 -35.19
N GLY B 65 11.22 17.66 -35.70
CA GLY B 65 12.12 18.73 -35.32
C GLY B 65 12.90 18.45 -34.05
N ASN B 66 12.23 18.48 -32.90
CA ASN B 66 12.87 18.23 -31.63
C ASN B 66 12.24 17.10 -30.83
N THR B 67 11.07 16.61 -31.22
CA THR B 67 10.36 15.58 -30.48
C THR B 67 10.29 14.31 -31.32
N ALA B 68 10.78 13.21 -30.76
CA ALA B 68 10.67 11.91 -31.41
C ALA B 68 9.27 11.34 -31.22
N SER B 69 8.93 10.35 -32.05
CA SER B 69 7.62 9.76 -31.99
C SER B 69 7.68 8.33 -32.53
N LEU B 70 6.80 7.48 -32.01
CA LEU B 70 6.69 6.09 -32.43
C LEU B 70 5.26 5.85 -32.90
N THR B 71 5.08 5.72 -34.21
CA THR B 71 3.77 5.47 -34.80
C THR B 71 3.60 3.98 -35.07
N ILE B 72 2.44 3.45 -34.70
CA ILE B 72 2.09 2.06 -34.96
C ILE B 72 0.89 2.05 -35.90
N SER B 73 1.00 1.33 -37.01
CA SER B 73 -0.01 1.40 -38.05
C SER B 73 -1.35 0.87 -37.56
N GLY B 74 -1.35 -0.28 -36.89
CA GLY B 74 -2.57 -0.81 -36.31
C GLY B 74 -2.31 -1.58 -35.04
N LEU B 75 -2.96 -1.20 -33.96
CA LEU B 75 -2.69 -1.80 -32.65
C LEU B 75 -3.19 -3.24 -32.68
N GLN B 76 -2.25 -4.18 -32.80
CA GLN B 76 -2.61 -5.59 -32.66
C GLN B 76 -2.74 -5.93 -31.19
N ALA B 77 -3.63 -6.88 -30.89
CA ALA B 77 -3.98 -7.23 -29.51
C ALA B 77 -2.78 -7.81 -28.75
N GLU B 78 -1.67 -8.02 -29.45
CA GLU B 78 -0.44 -8.52 -28.85
C GLU B 78 0.55 -7.41 -28.50
N ASP B 79 0.54 -6.30 -29.23
CA ASP B 79 1.55 -5.26 -29.06
C ASP B 79 1.22 -4.40 -27.85
N GLU B 80 0.98 -5.02 -26.70
CA GLU B 80 0.87 -4.29 -25.43
C GLU B 80 2.08 -4.44 -24.54
N ALA B 81 2.69 -3.32 -24.17
CA ALA B 81 3.93 -3.29 -23.41
C ALA B 81 4.34 -1.87 -23.04
N ASP B 82 5.36 -1.77 -22.20
CA ASP B 82 5.97 -0.49 -21.89
C ASP B 82 6.97 -0.13 -22.98
N TYR B 83 6.87 1.08 -23.52
CA TYR B 83 7.73 1.53 -24.59
C TYR B 83 8.60 2.69 -24.09
N TYR B 84 9.91 2.53 -24.24
CA TYR B 84 10.88 3.52 -23.78
C TYR B 84 11.65 4.07 -24.96
N CYS B 85 11.97 5.36 -24.92
CA CYS B 85 12.86 5.98 -25.89
C CYS B 85 14.15 6.37 -25.19
N SER B 86 15.28 5.98 -25.77
CA SER B 86 16.59 6.29 -25.21
C SER B 86 17.39 7.14 -26.20
N SER B 87 17.88 8.27 -25.73
CA SER B 87 18.88 9.07 -26.44
C SER B 87 20.18 8.90 -25.67
N TYR B 88 21.09 8.11 -26.22
CA TYR B 88 22.30 7.65 -25.50
C TYR B 88 21.82 6.86 -24.30
N GLU B 89 22.45 7.02 -23.13
CA GLU B 89 22.31 6.04 -22.06
C GLU B 89 21.03 6.17 -21.25
N VAL B 90 20.33 7.28 -21.33
CA VAL B 90 19.17 7.53 -20.48
C VAL B 90 17.89 7.31 -21.28
N PHE B 91 16.94 6.59 -20.68
CA PHE B 91 15.68 6.23 -21.30
C PHE B 91 14.58 7.22 -20.88
N GLY B 92 13.36 6.97 -21.36
CA GLY B 92 12.23 7.80 -21.04
C GLY B 92 11.45 7.31 -19.84
N THR B 93 10.35 8.01 -19.55
CA THR B 93 9.49 7.62 -18.44
C THR B 93 8.85 6.26 -18.69
N GLY B 94 8.42 6.01 -19.91
CA GLY B 94 7.75 4.77 -20.25
C GLY B 94 6.27 5.02 -20.45
N THR B 95 5.69 4.35 -21.45
CA THR B 95 4.29 4.50 -21.79
C THR B 95 3.57 3.17 -21.61
N LYS B 96 2.45 3.20 -20.89
CA LYS B 96 1.63 2.02 -20.67
C LYS B 96 0.67 1.87 -21.84
N VAL B 97 1.06 1.07 -22.84
CA VAL B 97 0.17 0.81 -24.01
C VAL B 97 -0.86 -0.23 -23.60
N THR B 98 -2.15 0.09 -23.76
CA THR B 98 -3.27 -0.80 -23.39
C THR B 98 -4.15 -1.00 -24.62
N VAL B 99 -4.36 -2.25 -25.02
CA VAL B 99 -5.15 -2.53 -26.26
C VAL B 99 -6.53 -3.01 -25.87
N LEU B 100 -7.56 -2.52 -26.58
CA LEU B 100 -8.94 -2.60 -26.08
C LEU B 100 -9.73 -3.50 -27.03
N GLY B 101 -10.89 -4.00 -26.60
CA GLY B 101 -11.67 -4.94 -27.43
C GLY B 101 -11.08 -6.32 -27.35
N GLN B 102 -10.25 -6.54 -26.35
CA GLN B 102 -9.54 -7.83 -26.26
C GLN B 102 -10.56 -8.88 -25.81
N PRO B 103 -10.44 -10.14 -26.24
CA PRO B 103 -11.45 -11.16 -25.92
C PRO B 103 -11.70 -11.27 -24.41
N LYS B 104 -12.95 -11.05 -24.03
CA LYS B 104 -13.33 -11.19 -22.63
C LYS B 104 -13.35 -12.67 -22.25
N ALA B 105 -12.79 -12.99 -21.08
CA ALA B 105 -12.62 -14.36 -20.64
C ALA B 105 -13.34 -14.57 -19.31
N ALA B 106 -14.09 -15.66 -19.20
CA ALA B 106 -14.80 -15.97 -17.97
C ALA B 106 -13.80 -16.46 -16.91
N PRO B 107 -14.00 -16.10 -15.65
CA PRO B 107 -13.05 -16.48 -14.61
C PRO B 107 -13.12 -17.95 -14.26
N SER B 108 -12.01 -18.45 -13.73
CA SER B 108 -11.93 -19.80 -13.17
C SER B 108 -11.63 -19.70 -11.68
N VAL B 109 -12.46 -20.36 -10.87
CA VAL B 109 -12.44 -20.18 -9.42
C VAL B 109 -12.21 -21.54 -8.75
N THR B 110 -11.28 -21.56 -7.79
CA THR B 110 -11.03 -22.72 -6.94
C THR B 110 -11.11 -22.29 -5.48
N LEU B 111 -11.85 -23.05 -4.68
CA LEU B 111 -12.06 -22.72 -3.27
C LEU B 111 -11.55 -23.85 -2.40
N PHE B 112 -10.77 -23.51 -1.39
CA PHE B 112 -10.21 -24.49 -0.48
C PHE B 112 -10.75 -24.28 0.93
N PRO B 113 -11.25 -25.32 1.58
CA PRO B 113 -11.70 -25.18 2.97
C PRO B 113 -10.50 -25.12 3.91
N PRO B 114 -10.70 -24.70 5.15
CA PRO B 114 -9.59 -24.69 6.11
C PRO B 114 -8.97 -26.07 6.23
N SER B 115 -7.63 -26.11 6.19
CA SER B 115 -6.92 -27.38 6.20
C SER B 115 -6.99 -28.01 7.59
N SER B 116 -6.73 -29.32 7.62
CA SER B 116 -6.72 -30.05 8.89
C SER B 116 -5.63 -29.52 9.82
N GLU B 117 -4.45 -29.24 9.27
CA GLU B 117 -3.37 -28.70 10.10
C GLU B 117 -3.73 -27.33 10.66
N GLU B 118 -4.34 -26.48 9.84
CA GLU B 118 -4.70 -25.14 10.32
C GLU B 118 -5.82 -25.19 11.34
N LEU B 119 -6.78 -26.10 11.16
CA LEU B 119 -7.83 -26.26 12.15
C LEU B 119 -7.27 -26.73 13.49
N GLN B 120 -6.23 -27.56 13.47
CA GLN B 120 -5.51 -27.94 14.68
C GLN B 120 -4.63 -26.82 15.22
N ALA B 121 -4.78 -25.59 14.71
CA ALA B 121 -4.12 -24.41 15.25
C ALA B 121 -5.12 -23.34 15.65
N ASN B 122 -6.40 -23.71 15.81
CA ASN B 122 -7.47 -22.78 16.17
C ASN B 122 -7.62 -21.67 15.13
N LYS B 123 -7.26 -21.95 13.89
CA LYS B 123 -7.39 -21.00 12.79
C LYS B 123 -8.13 -21.65 11.64
N ALA B 124 -8.80 -20.83 10.85
CA ALA B 124 -9.57 -21.32 9.71
C ALA B 124 -9.52 -20.27 8.61
N THR B 125 -9.05 -20.67 7.44
CA THR B 125 -8.91 -19.79 6.29
C THR B 125 -9.51 -20.45 5.07
N LEU B 126 -10.35 -19.72 4.34
CA LEU B 126 -10.90 -20.16 3.06
C LEU B 126 -10.24 -19.35 1.96
N VAL B 127 -9.64 -20.04 0.99
CA VAL B 127 -8.89 -19.40 -0.08
C VAL B 127 -9.68 -19.54 -1.37
N CYS B 128 -10.09 -18.41 -1.94
CA CYS B 128 -10.84 -18.36 -3.18
C CYS B 128 -9.93 -17.76 -4.25
N LEU B 129 -9.40 -18.61 -5.12
CA LEU B 129 -8.41 -18.20 -6.11
C LEU B 129 -9.09 -18.09 -7.48
N ILE B 130 -8.97 -16.91 -8.08
CA ILE B 130 -9.60 -16.59 -9.36
C ILE B 130 -8.49 -16.27 -10.36
N SER B 131 -8.69 -16.68 -11.61
CA SER B 131 -7.66 -16.50 -12.62
C SER B 131 -8.29 -16.60 -14.01
N ASP B 132 -7.49 -16.21 -15.01
CA ASP B 132 -7.82 -16.39 -16.43
C ASP B 132 -9.13 -15.70 -16.80
N PHE B 133 -9.30 -14.46 -16.35
CA PHE B 133 -10.44 -13.65 -16.74
C PHE B 133 -9.96 -12.32 -17.31
N TYR B 134 -10.69 -11.83 -18.31
CA TYR B 134 -10.43 -10.54 -18.92
C TYR B 134 -11.75 -9.82 -19.10
N PRO B 135 -11.83 -8.52 -18.77
CA PRO B 135 -10.77 -7.68 -18.20
C PRO B 135 -10.63 -7.88 -16.69
N GLY B 136 -9.73 -7.14 -16.05
CA GLY B 136 -9.53 -7.29 -14.62
C GLY B 136 -10.51 -6.50 -13.78
N ALA B 137 -11.80 -6.81 -13.94
CA ALA B 137 -12.86 -6.16 -13.17
C ALA B 137 -13.81 -7.26 -12.68
N VAL B 138 -13.63 -7.67 -11.42
CA VAL B 138 -14.47 -8.68 -10.80
C VAL B 138 -14.91 -8.20 -9.42
N THR B 139 -16.03 -8.74 -8.96
CA THR B 139 -16.55 -8.47 -7.62
C THR B 139 -16.65 -9.79 -6.88
N VAL B 140 -16.00 -9.88 -5.73
CA VAL B 140 -15.94 -11.10 -4.94
C VAL B 140 -16.83 -10.91 -3.71
N ALA B 141 -17.78 -11.81 -3.53
CA ALA B 141 -18.72 -11.77 -2.42
C ALA B 141 -18.70 -13.11 -1.70
N TRP B 142 -18.59 -13.07 -0.38
CA TRP B 142 -18.65 -14.27 0.45
C TRP B 142 -20.02 -14.40 1.06
N LYS B 143 -20.60 -15.60 0.95
CA LYS B 143 -21.90 -15.90 1.54
C LYS B 143 -21.78 -17.08 2.49
N ALA B 144 -22.54 -17.04 3.58
CA ALA B 144 -22.60 -18.12 4.55
C ALA B 144 -24.07 -18.51 4.72
N ASP B 145 -24.44 -19.66 4.16
CA ASP B 145 -25.84 -20.13 4.16
C ASP B 145 -26.76 -19.11 3.51
N SER B 146 -26.29 -18.48 2.43
CA SER B 146 -27.07 -17.51 1.71
C SER B 146 -27.01 -16.10 2.26
N SER B 147 -26.47 -15.90 3.45
CA SER B 147 -26.37 -14.58 4.05
C SER B 147 -24.95 -14.06 3.88
N PRO B 148 -24.76 -12.91 3.24
CA PRO B 148 -23.39 -12.45 2.97
C PRO B 148 -22.63 -12.12 4.25
N VAL B 149 -21.32 -12.37 4.21
CA VAL B 149 -20.41 -12.06 5.30
C VAL B 149 -19.34 -11.11 4.77
N LYS B 150 -19.07 -10.04 5.51
CA LYS B 150 -18.12 -9.02 5.09
C LYS B 150 -16.90 -8.93 5.99
N ALA B 151 -17.03 -9.18 7.28
CA ALA B 151 -15.89 -9.12 8.18
C ALA B 151 -14.91 -10.25 7.90
N GLY B 152 -13.63 -9.97 8.14
CA GLY B 152 -12.60 -10.96 7.91
C GLY B 152 -12.47 -11.37 6.46
N VAL B 153 -12.60 -10.44 5.54
CA VAL B 153 -12.43 -10.69 4.11
C VAL B 153 -11.35 -9.76 3.59
N GLU B 154 -10.34 -10.32 2.95
CA GLU B 154 -9.27 -9.55 2.33
C GLU B 154 -9.10 -10.03 0.90
N THR B 155 -9.36 -9.14 -0.06
CA THR B 155 -9.27 -9.46 -1.48
C THR B 155 -8.16 -8.63 -2.10
N THR B 156 -7.29 -9.29 -2.86
CA THR B 156 -6.23 -8.58 -3.56
C THR B 156 -6.75 -8.04 -4.89
N THR B 157 -6.15 -6.94 -5.34
CA THR B 157 -6.53 -6.37 -6.61
C THR B 157 -6.09 -7.29 -7.75
N PRO B 158 -6.90 -7.41 -8.81
CA PRO B 158 -6.50 -8.26 -9.94
C PRO B 158 -5.22 -7.76 -10.58
N SER B 159 -4.39 -8.71 -11.04
CA SER B 159 -3.09 -8.40 -11.60
C SER B 159 -2.85 -9.23 -12.85
N LYS B 160 -1.96 -8.74 -13.71
CA LYS B 160 -1.64 -9.42 -14.96
C LYS B 160 -0.94 -10.75 -14.68
N GLN B 161 -1.24 -11.76 -15.49
CA GLN B 161 -0.61 -13.05 -15.43
C GLN B 161 0.41 -13.17 -16.57
N SER B 162 0.97 -14.36 -16.73
CA SER B 162 1.87 -14.62 -17.85
C SER B 162 1.14 -14.77 -19.18
N ASN B 163 -0.19 -14.92 -19.15
CA ASN B 163 -0.98 -15.11 -20.36
C ASN B 163 -1.84 -13.88 -20.69
N ASN B 164 -1.45 -12.71 -20.18
CA ASN B 164 -2.16 -11.44 -20.42
C ASN B 164 -3.60 -11.46 -19.91
N LYS B 165 -3.92 -12.38 -19.01
CA LYS B 165 -5.20 -12.40 -18.32
C LYS B 165 -4.99 -12.00 -16.86
N TYR B 166 -6.11 -11.82 -16.15
CA TYR B 166 -6.06 -11.29 -14.80
C TYR B 166 -6.36 -12.39 -13.78
N ALA B 167 -5.71 -12.28 -12.62
CA ALA B 167 -5.92 -13.20 -11.52
C ALA B 167 -6.03 -12.41 -10.22
N ALA B 168 -6.94 -12.86 -9.36
CA ALA B 168 -7.11 -12.27 -8.04
C ALA B 168 -7.38 -13.39 -7.04
N SER B 169 -7.07 -13.14 -5.78
CA SER B 169 -7.27 -14.10 -4.71
C SER B 169 -7.98 -13.43 -3.55
N SER B 170 -8.88 -14.18 -2.90
CA SER B 170 -9.66 -13.67 -1.78
C SER B 170 -9.55 -14.64 -0.62
N TYR B 171 -9.44 -14.09 0.60
CA TYR B 171 -9.25 -14.89 1.80
C TYR B 171 -10.33 -14.53 2.81
N LEU B 172 -10.98 -15.56 3.38
CA LEU B 172 -11.94 -15.40 4.44
C LEU B 172 -11.36 -16.00 5.73
N SER B 173 -11.31 -15.20 6.78
CA SER B 173 -10.75 -15.62 8.06
C SER B 173 -11.87 -15.88 9.04
N LEU B 174 -11.86 -17.05 9.66
CA LEU B 174 -12.89 -17.45 10.61
C LEU B 174 -12.25 -18.19 11.77
N THR B 175 -12.94 -18.20 12.90
CA THR B 175 -12.62 -19.13 13.96
C THR B 175 -13.11 -20.52 13.57
N PRO B 176 -12.51 -21.58 14.13
CA PRO B 176 -12.99 -22.92 13.81
C PRO B 176 -14.45 -23.14 14.15
N GLU B 177 -14.95 -22.52 15.23
CA GLU B 177 -16.32 -22.78 15.68
C GLU B 177 -17.34 -22.33 14.64
N GLN B 178 -17.13 -21.13 14.05
CA GLN B 178 -18.08 -20.67 13.04
C GLN B 178 -17.93 -21.39 11.71
N TRP B 179 -16.76 -21.95 11.43
CA TRP B 179 -16.61 -22.77 10.24
C TRP B 179 -17.48 -24.03 10.33
N LYS B 180 -17.43 -24.71 11.47
CA LYS B 180 -18.20 -25.94 11.65
C LYS B 180 -19.68 -25.67 11.87
N SER B 181 -20.01 -24.60 12.60
CA SER B 181 -21.40 -24.35 12.95
C SER B 181 -22.26 -24.05 11.72
N HIS B 182 -21.71 -23.29 10.77
CA HIS B 182 -22.46 -22.97 9.56
C HIS B 182 -22.54 -24.18 8.64
N ARG B 183 -23.42 -24.09 7.65
CA ARG B 183 -23.67 -25.22 6.76
C ARG B 183 -22.77 -25.21 5.54
N SER B 184 -22.48 -24.04 4.97
CA SER B 184 -21.59 -23.95 3.83
C SER B 184 -21.19 -22.50 3.64
N TYR B 185 -19.92 -22.28 3.31
CA TYR B 185 -19.41 -20.98 2.91
C TYR B 185 -19.14 -21.00 1.41
N SER B 186 -19.56 -19.96 0.72
CA SER B 186 -19.51 -19.91 -0.73
C SER B 186 -18.82 -18.65 -1.21
N CYS B 187 -18.02 -18.79 -2.26
CA CYS B 187 -17.35 -17.67 -2.91
C CYS B 187 -18.03 -17.39 -4.24
N GLN B 188 -18.53 -16.17 -4.40
CA GLN B 188 -19.25 -15.76 -5.61
C GLN B 188 -18.50 -14.60 -6.24
N VAL B 189 -18.08 -14.78 -7.50
CA VAL B 189 -17.35 -13.77 -8.23
C VAL B 189 -18.13 -13.43 -9.49
N THR B 190 -18.44 -12.15 -9.66
CA THR B 190 -19.19 -11.67 -10.82
C THR B 190 -18.23 -11.00 -11.80
N HIS B 191 -18.42 -11.29 -13.09
CA HIS B 191 -17.51 -10.80 -14.12
C HIS B 191 -18.30 -10.57 -15.40
N GLU B 192 -18.51 -9.30 -15.75
CA GLU B 192 -19.20 -8.91 -16.98
C GLU B 192 -20.60 -9.51 -17.04
N GLY B 193 -21.36 -9.34 -15.95
CA GLY B 193 -22.75 -9.72 -15.93
C GLY B 193 -23.04 -11.18 -15.67
N SER B 194 -22.01 -12.02 -15.55
CA SER B 194 -22.19 -13.43 -15.25
C SER B 194 -21.46 -13.75 -13.95
N THR B 195 -22.13 -14.47 -13.06
CA THR B 195 -21.61 -14.79 -11.74
C THR B 195 -21.23 -16.27 -11.66
N VAL B 196 -20.08 -16.55 -11.06
CA VAL B 196 -19.56 -17.89 -10.89
C VAL B 196 -19.45 -18.17 -9.40
N GLU B 197 -19.93 -19.34 -8.98
CA GLU B 197 -20.06 -19.65 -7.56
C GLU B 197 -19.36 -20.97 -7.24
N LYS B 198 -18.68 -21.00 -6.10
CA LYS B 198 -18.03 -22.20 -5.58
C LYS B 198 -18.35 -22.33 -4.09
N THR B 199 -18.83 -23.49 -3.69
CA THR B 199 -19.31 -23.70 -2.32
C THR B 199 -18.53 -24.82 -1.65
N VAL B 200 -18.14 -24.59 -0.39
CA VAL B 200 -17.49 -25.60 0.43
C VAL B 200 -18.20 -25.68 1.76
N ALA B 201 -17.97 -26.78 2.47
CA ALA B 201 -18.67 -27.07 3.72
C ALA B 201 -17.74 -27.91 4.58
N PRO B 202 -18.09 -28.11 5.89
CA PRO B 202 -17.30 -28.99 6.77
C PRO B 202 -17.54 -30.47 6.52
N THR B 203 -17.55 -30.86 5.24
CA THR B 203 -17.71 -32.24 4.75
C THR B 203 -18.43 -33.21 5.70
N GLN C 1 -20.70 19.90 32.93
CA GLN C 1 -20.31 19.17 31.74
C GLN C 1 -19.76 17.79 32.10
N VAL C 2 -20.10 16.80 31.29
CA VAL C 2 -19.64 15.42 31.48
C VAL C 2 -18.47 15.16 30.54
N GLN C 3 -17.34 14.74 31.08
CA GLN C 3 -16.14 14.50 30.31
C GLN C 3 -15.55 13.14 30.67
N LEU C 4 -14.94 12.50 29.67
CA LEU C 4 -14.23 11.23 29.86
C LEU C 4 -12.87 11.37 29.20
N VAL C 5 -11.83 11.56 30.01
CA VAL C 5 -10.48 11.73 29.52
C VAL C 5 -9.78 10.38 29.50
N GLN C 6 -9.17 10.03 28.37
CA GLN C 6 -8.47 8.77 28.20
C GLN C 6 -6.97 9.02 28.17
N SER C 7 -6.22 7.92 28.29
CA SER C 7 -4.77 7.99 28.32
C SER C 7 -4.22 8.39 26.94
N GLY C 8 -2.90 8.47 26.85
CA GLY C 8 -2.26 8.82 25.59
C GLY C 8 -2.13 7.66 24.64
N ALA C 9 -1.74 7.97 23.41
CA ALA C 9 -1.50 6.96 22.41
C ALA C 9 -0.29 6.11 22.78
N GLU C 10 -0.37 4.81 22.52
CA GLU C 10 0.67 3.87 22.90
C GLU C 10 1.02 2.95 21.74
N VAL C 11 2.30 2.62 21.64
CA VAL C 11 2.81 1.66 20.66
C VAL C 11 3.46 0.52 21.43
N LYS C 12 3.08 -0.71 21.11
CA LYS C 12 3.53 -1.88 21.85
C LYS C 12 4.00 -2.96 20.87
N LYS C 13 4.95 -3.76 21.33
CA LYS C 13 5.39 -4.92 20.57
C LYS C 13 4.35 -6.02 20.67
N PRO C 14 4.31 -6.93 19.68
CA PRO C 14 3.42 -8.09 19.80
C PRO C 14 3.75 -8.90 21.05
N GLY C 15 2.70 -9.36 21.73
CA GLY C 15 2.84 -10.08 22.97
C GLY C 15 2.81 -9.21 24.22
N ALA C 16 3.00 -7.90 24.08
CA ALA C 16 2.98 -7.01 25.22
C ALA C 16 1.54 -6.70 25.65
N SER C 17 1.41 -6.08 26.82
CA SER C 17 0.12 -5.74 27.39
C SER C 17 -0.04 -4.22 27.44
N VAL C 18 -1.27 -3.75 27.20
CA VAL C 18 -1.59 -2.34 27.20
C VAL C 18 -2.77 -2.11 28.13
N LYS C 19 -2.68 -1.10 28.99
CA LYS C 19 -3.77 -0.70 29.86
C LYS C 19 -4.17 0.73 29.53
N VAL C 20 -5.44 0.94 29.25
CA VAL C 20 -5.97 2.23 28.82
C VAL C 20 -6.87 2.78 29.92
N SER C 21 -6.64 4.03 30.31
CA SER C 21 -7.41 4.67 31.36
C SER C 21 -8.58 5.44 30.77
N CYS C 22 -9.62 5.62 31.58
CA CYS C 22 -10.79 6.40 31.20
C CYS C 22 -11.36 7.02 32.48
N LYS C 23 -10.95 8.27 32.75
CA LYS C 23 -11.37 8.97 33.95
C LYS C 23 -12.64 9.78 33.64
N ALA C 24 -13.67 9.58 34.44
CA ALA C 24 -14.96 10.22 34.23
C ALA C 24 -15.15 11.37 35.20
N SER C 25 -15.71 12.48 34.69
CA SER C 25 -15.98 13.66 35.49
C SER C 25 -17.33 14.22 35.09
N GLY C 26 -17.98 14.91 36.03
CA GLY C 26 -19.25 15.56 35.78
C GLY C 26 -20.48 14.74 36.05
N TYR C 27 -20.33 13.46 36.42
CA TYR C 27 -21.48 12.63 36.72
C TYR C 27 -21.07 11.54 37.70
N THR C 28 -22.07 10.95 38.35
CA THR C 28 -21.82 9.87 39.31
C THR C 28 -21.28 8.65 38.57
N PHE C 29 -20.03 8.30 38.84
CA PHE C 29 -19.35 7.23 38.13
C PHE C 29 -19.98 5.87 38.41
N ASP C 30 -20.70 5.72 39.51
CA ASP C 30 -21.22 4.40 39.90
C ASP C 30 -22.52 4.05 39.19
N ASP C 31 -23.30 5.05 38.79
CA ASP C 31 -24.66 4.82 38.32
C ASP C 31 -24.75 4.45 36.84
N TYR C 32 -23.63 4.39 36.12
CA TYR C 32 -23.66 4.10 34.70
C TYR C 32 -22.57 3.11 34.33
N TYR C 33 -22.92 2.14 33.48
CA TYR C 33 -21.96 1.17 32.99
C TYR C 33 -20.89 1.87 32.13
N MET C 34 -19.80 1.14 31.88
CA MET C 34 -18.71 1.64 31.06
C MET C 34 -18.35 0.58 30.02
N HIS C 35 -18.68 0.86 28.76
CA HIS C 35 -18.37 -0.03 27.66
C HIS C 35 -17.05 0.38 26.99
N TRP C 36 -16.45 -0.58 26.29
CA TRP C 36 -15.22 -0.34 25.54
C TRP C 36 -15.43 -0.82 24.11
N VAL C 37 -15.22 0.07 23.14
CA VAL C 37 -15.49 -0.20 21.74
C VAL C 37 -14.26 0.15 20.91
N ARG C 38 -13.87 -0.76 20.03
CA ARG C 38 -12.75 -0.53 19.11
C ARG C 38 -13.23 0.21 17.87
N GLN C 39 -12.29 0.52 16.98
CA GLN C 39 -12.60 1.08 15.67
C GLN C 39 -11.98 0.29 14.52
N ALA C 40 -10.93 -0.51 14.76
CA ALA C 40 -10.22 -1.33 13.78
C ALA C 40 -9.48 -0.44 12.79
N PRO C 41 -8.41 -0.95 12.15
CA PRO C 41 -7.66 -0.11 11.18
C PRO C 41 -8.40 0.06 9.85
N GLY C 42 -9.31 1.03 9.82
CA GLY C 42 -10.08 1.32 8.65
C GLY C 42 -11.40 0.59 8.53
N GLN C 43 -11.70 -0.33 9.45
CA GLN C 43 -12.96 -1.05 9.45
C GLN C 43 -13.94 -0.35 10.39
N GLY C 44 -15.09 -1.00 10.65
CA GLY C 44 -16.11 -0.43 11.49
C GLY C 44 -15.83 -0.65 12.97
N LEU C 45 -16.73 -0.10 13.78
CA LEU C 45 -16.63 -0.24 15.23
C LEU C 45 -16.84 -1.69 15.64
N GLU C 46 -16.26 -2.05 16.78
CA GLU C 46 -16.32 -3.43 17.27
C GLU C 46 -16.44 -3.39 18.79
N TRP C 47 -17.57 -3.86 19.31
CA TRP C 47 -17.81 -3.83 20.75
C TRP C 47 -16.98 -4.92 21.44
N MET C 48 -16.28 -4.54 22.51
CA MET C 48 -15.47 -5.46 23.29
C MET C 48 -16.20 -5.99 24.51
N GLY C 49 -16.77 -5.10 25.33
CA GLY C 49 -17.48 -5.53 26.50
C GLY C 49 -17.93 -4.34 27.32
N TRP C 50 -18.59 -4.63 28.43
CA TRP C 50 -19.00 -3.60 29.38
C TRP C 50 -18.67 -4.05 30.80
N MET C 51 -18.49 -3.06 31.67
CA MET C 51 -18.15 -3.29 33.07
C MET C 51 -19.09 -2.50 33.95
N ASN C 52 -19.57 -3.14 35.02
CA ASN C 52 -20.37 -2.47 36.02
C ASN C 52 -19.43 -1.85 37.04
N PRO C 53 -19.35 -0.52 37.14
CA PRO C 53 -18.47 0.08 38.16
C PRO C 53 -18.99 -0.06 39.57
N LYS C 54 -20.30 -0.23 39.74
CA LYS C 54 -20.88 -0.32 41.09
C LYS C 54 -20.63 -1.69 41.73
N THR C 55 -20.62 -2.76 40.94
CA THR C 55 -20.44 -4.10 41.46
C THR C 55 -19.12 -4.75 41.10
N GLY C 56 -18.48 -4.33 40.00
CA GLY C 56 -17.26 -4.93 39.53
C GLY C 56 -17.44 -6.06 38.55
N GLY C 57 -18.67 -6.51 38.32
CA GLY C 57 -18.89 -7.56 37.33
C GLY C 57 -18.68 -7.06 35.92
N VAL C 58 -18.27 -7.97 35.04
CA VAL C 58 -17.93 -7.64 33.67
C VAL C 58 -18.61 -8.62 32.72
N ASN C 59 -18.75 -8.19 31.47
CA ASN C 59 -19.29 -9.03 30.40
C ASN C 59 -18.49 -8.75 29.14
N TYR C 60 -17.92 -9.79 28.54
CA TYR C 60 -17.04 -9.67 27.40
C TYR C 60 -17.68 -10.28 26.16
N ALA C 61 -17.22 -9.82 24.99
CA ALA C 61 -17.62 -10.44 23.73
C ALA C 61 -16.93 -11.79 23.58
N GLN C 62 -17.56 -12.67 22.79
CA GLN C 62 -17.05 -14.03 22.65
C GLN C 62 -15.65 -14.06 22.06
N ARG C 63 -15.33 -13.10 21.18
CA ARG C 63 -14.03 -13.08 20.53
C ARG C 63 -12.95 -12.38 21.34
N PHE C 64 -13.29 -11.83 22.51
CA PHE C 64 -12.30 -11.20 23.39
C PHE C 64 -12.20 -11.86 24.75
N GLN C 65 -12.99 -12.89 25.03
CA GLN C 65 -12.94 -13.54 26.33
C GLN C 65 -11.58 -14.17 26.57
N GLY C 66 -11.07 -14.02 27.79
CA GLY C 66 -9.76 -14.52 28.15
C GLY C 66 -8.61 -13.62 27.71
N ARG C 67 -8.90 -12.47 27.11
CA ARG C 67 -7.86 -11.57 26.61
C ARG C 67 -7.95 -10.16 27.17
N VAL C 68 -9.15 -9.69 27.51
CA VAL C 68 -9.37 -8.31 27.96
C VAL C 68 -9.78 -8.34 29.42
N THR C 69 -9.14 -7.48 30.22
CA THR C 69 -9.41 -7.38 31.65
C THR C 69 -9.89 -5.96 31.95
N MET C 70 -11.18 -5.83 32.23
CA MET C 70 -11.80 -4.54 32.52
C MET C 70 -11.99 -4.40 34.02
N THR C 71 -11.37 -3.37 34.60
CA THR C 71 -11.46 -3.11 36.03
C THR C 71 -11.56 -1.60 36.24
N ARG C 72 -12.08 -1.21 37.40
CA ARG C 72 -12.28 0.19 37.72
C ARG C 72 -11.72 0.50 39.09
N ASP C 73 -11.33 1.76 39.28
CA ASP C 73 -10.88 2.28 40.57
C ASP C 73 -11.87 3.39 40.95
N ARG C 74 -12.86 3.04 41.79
CA ARG C 74 -13.90 3.98 42.15
C ARG C 74 -13.40 5.12 43.03
N SER C 75 -12.19 5.02 43.57
CA SER C 75 -11.66 6.09 44.41
C SER C 75 -11.48 7.37 43.61
N ILE C 76 -10.99 7.27 42.37
CA ILE C 76 -10.77 8.42 41.52
C ILE C 76 -11.68 8.42 40.30
N ASP C 77 -12.69 7.54 40.29
CA ASP C 77 -13.69 7.48 39.21
C ASP C 77 -13.03 7.27 37.85
N THR C 78 -12.35 6.13 37.71
CA THR C 78 -11.67 5.78 36.48
C THR C 78 -11.96 4.32 36.12
N ALA C 79 -11.98 4.06 34.81
CA ALA C 79 -12.17 2.72 34.27
C ALA C 79 -10.95 2.34 33.44
N TYR C 80 -10.60 1.06 33.48
CA TYR C 80 -9.40 0.56 32.82
C TYR C 80 -9.76 -0.61 31.92
N MET C 81 -9.10 -0.65 30.76
CA MET C 81 -9.21 -1.77 29.83
C MET C 81 -7.81 -2.27 29.54
N GLU C 82 -7.56 -3.54 29.84
CA GLU C 82 -6.26 -4.15 29.66
C GLU C 82 -6.34 -5.24 28.59
N LEU C 83 -5.47 -5.14 27.58
CA LEU C 83 -5.35 -6.15 26.54
C LEU C 83 -4.04 -6.89 26.71
N ASN C 84 -4.09 -8.21 26.78
CA ASN C 84 -2.94 -9.05 27.06
C ASN C 84 -2.48 -9.74 25.77
N SER C 85 -1.18 -9.71 25.52
CA SER C 85 -0.56 -10.36 24.36
C SER C 85 -1.16 -9.83 23.07
N LEU C 86 -0.89 -8.55 22.82
CA LEU C 86 -1.40 -7.88 21.63
C LEU C 86 -0.92 -8.58 20.37
N ARG C 87 -1.85 -8.85 19.46
CA ARG C 87 -1.53 -9.39 18.16
C ARG C 87 -1.45 -8.25 17.15
N SER C 88 -1.07 -8.60 15.91
CA SER C 88 -0.98 -7.59 14.87
C SER C 88 -2.35 -7.03 14.49
N ASP C 89 -3.43 -7.76 14.77
CA ASP C 89 -4.77 -7.26 14.50
C ASP C 89 -5.22 -6.22 15.51
N ASP C 90 -4.54 -6.11 16.66
CA ASP C 90 -5.01 -5.27 17.75
C ASP C 90 -4.72 -3.80 17.57
N THR C 91 -4.08 -3.40 16.48
CA THR C 91 -3.83 -1.97 16.24
C THR C 91 -5.15 -1.30 15.82
N ALA C 92 -5.68 -0.45 16.68
CA ALA C 92 -6.98 0.16 16.45
C ALA C 92 -7.17 1.32 17.42
N MET C 93 -8.24 2.07 17.22
CA MET C 93 -8.67 3.11 18.14
C MET C 93 -9.57 2.51 19.20
N TYR C 94 -9.34 2.87 20.46
CA TYR C 94 -10.10 2.33 21.58
C TYR C 94 -10.84 3.46 22.28
N TYR C 95 -12.16 3.30 22.42
CA TYR C 95 -13.02 4.30 23.03
C TYR C 95 -13.70 3.72 24.27
N CYS C 96 -13.97 4.60 25.24
CA CYS C 96 -14.79 4.27 26.39
C CYS C 96 -16.06 5.10 26.34
N ALA C 97 -17.22 4.43 26.44
CA ALA C 97 -18.50 5.09 26.41
C ALA C 97 -19.36 4.60 27.57
N ARG C 98 -20.17 5.49 28.12
CA ARG C 98 -21.04 5.17 29.25
C ARG C 98 -22.44 4.80 28.78
N ASP C 99 -23.12 3.99 29.58
CA ASP C 99 -24.43 3.47 29.22
C ASP C 99 -25.17 3.13 30.51
N TYR C 100 -26.40 2.61 30.35
CA TYR C 100 -27.19 2.15 31.48
C TYR C 100 -28.28 1.22 30.97
N GLY C 101 -28.58 0.19 31.76
CA GLY C 101 -29.73 -0.67 31.50
C GLY C 101 -29.58 -1.53 30.26
N GLY C 102 -30.72 -2.14 29.89
CA GLY C 102 -30.74 -2.99 28.71
C GLY C 102 -30.66 -2.21 27.41
N GLY C 103 -31.18 -0.99 27.39
CA GLY C 103 -31.01 -0.14 26.25
C GLY C 103 -29.58 0.33 26.11
N TYR C 104 -29.23 0.79 24.91
CA TYR C 104 -27.86 1.18 24.59
C TYR C 104 -27.78 2.60 24.04
N PRO C 105 -28.15 3.61 24.86
CA PRO C 105 -27.86 5.00 24.46
C PRO C 105 -26.49 5.45 24.96
N LEU C 106 -25.45 5.04 24.25
CA LEU C 106 -24.09 5.41 24.62
C LEU C 106 -23.88 6.90 24.37
N ASP C 107 -24.09 7.71 25.41
CA ASP C 107 -24.17 9.16 25.23
C ASP C 107 -22.79 9.76 24.96
N PHE C 108 -21.89 9.64 25.93
CA PHE C 108 -20.55 10.20 25.82
C PHE C 108 -19.55 9.10 25.48
N TRP C 109 -18.61 9.43 24.58
CA TRP C 109 -17.64 8.46 24.10
C TRP C 109 -16.20 8.84 24.42
N GLY C 110 -15.99 9.80 25.33
CA GLY C 110 -14.64 10.19 25.68
C GLY C 110 -13.90 10.80 24.51
N GLN C 111 -12.63 10.44 24.38
CA GLN C 111 -11.77 10.94 23.30
C GLN C 111 -11.18 9.83 22.44
N GLY C 112 -10.74 8.74 23.04
CA GLY C 112 -10.14 7.64 22.31
C GLY C 112 -8.63 7.58 22.52
N THR C 113 -8.09 6.37 22.35
CA THR C 113 -6.66 6.12 22.41
C THR C 113 -6.25 5.28 21.22
N LEU C 114 -5.17 5.68 20.55
CA LEU C 114 -4.64 4.94 19.42
C LEU C 114 -3.58 3.96 19.92
N VAL C 115 -3.89 2.67 19.86
CA VAL C 115 -2.94 1.62 20.19
C VAL C 115 -2.45 1.04 18.88
N THR C 116 -1.15 1.17 18.62
CA THR C 116 -0.54 0.67 17.40
C THR C 116 0.40 -0.48 17.76
N VAL C 117 0.17 -1.64 17.16
CA VAL C 117 1.01 -2.81 17.36
C VAL C 117 1.80 -3.01 16.07
N PHE C 118 3.08 -2.67 16.09
CA PHE C 118 3.88 -2.69 14.88
C PHE C 118 4.09 -4.13 14.40
N ASN C 119 4.22 -4.27 13.08
CA ASN C 119 4.45 -5.59 12.49
C ASN C 119 5.89 -6.02 12.72
N GLN C 120 6.06 -7.30 13.06
CA GLN C 120 7.36 -7.88 13.33
C GLN C 120 7.74 -8.86 12.22
N ILE C 121 9.04 -9.13 12.14
CA ILE C 121 9.55 -10.08 11.14
C ILE C 121 9.09 -11.47 11.53
N LYS C 122 8.12 -12.00 10.79
CA LYS C 122 7.52 -13.29 11.09
C LYS C 122 7.57 -14.19 9.85
N GLY C 123 7.93 -15.45 10.05
CA GLY C 123 7.92 -16.42 9.00
C GLY C 123 6.51 -16.92 8.73
N PRO C 124 6.30 -17.49 7.55
CA PRO C 124 4.95 -17.94 7.18
C PRO C 124 4.57 -19.24 7.88
N SER C 125 3.26 -19.39 8.08
CA SER C 125 2.65 -20.61 8.60
C SER C 125 2.09 -21.37 7.41
N VAL C 126 2.89 -22.30 6.88
CA VAL C 126 2.50 -23.03 5.67
C VAL C 126 1.49 -24.10 6.02
N PHE C 127 0.38 -24.13 5.28
CA PHE C 127 -0.66 -25.13 5.40
C PHE C 127 -0.93 -25.76 4.04
N PRO C 128 -1.40 -27.00 4.01
CA PRO C 128 -1.72 -27.63 2.73
C PRO C 128 -3.12 -27.23 2.25
N LEU C 129 -3.29 -27.33 0.92
CA LEU C 129 -4.56 -27.07 0.27
C LEU C 129 -4.92 -28.32 -0.53
N ALA C 130 -5.65 -29.23 0.11
CA ALA C 130 -6.01 -30.49 -0.52
C ALA C 130 -7.02 -30.26 -1.64
N PRO C 131 -6.95 -31.07 -2.72
CA PRO C 131 -7.89 -30.96 -3.84
C PRO C 131 -9.32 -31.33 -3.47
N THR C 140 -8.20 -33.44 -14.37
CA THR C 140 -7.67 -32.12 -14.03
C THR C 140 -8.14 -31.66 -12.67
N ALA C 141 -7.19 -31.45 -11.76
CA ALA C 141 -7.49 -30.97 -10.41
C ALA C 141 -6.40 -29.97 -10.02
N ALA C 142 -6.56 -29.36 -8.84
CA ALA C 142 -5.63 -28.35 -8.37
C ALA C 142 -5.40 -28.52 -6.88
N LEU C 143 -4.14 -28.57 -6.48
CA LEU C 143 -3.74 -28.57 -5.07
C LEU C 143 -2.67 -27.50 -4.89
N GLY C 144 -2.54 -27.03 -3.66
CA GLY C 144 -1.61 -25.97 -3.38
C GLY C 144 -1.23 -25.88 -1.92
N CYS C 145 -0.65 -24.73 -1.56
CA CYS C 145 -0.23 -24.46 -0.19
C CYS C 145 -0.63 -23.04 0.17
N LEU C 146 -0.95 -22.84 1.45
CA LEU C 146 -1.31 -21.54 1.98
C LEU C 146 -0.12 -20.96 2.73
N VAL C 147 0.27 -19.75 2.36
CA VAL C 147 1.40 -19.05 2.98
C VAL C 147 0.85 -17.89 3.79
N LYS C 148 0.58 -18.12 5.08
CA LYS C 148 -0.19 -17.18 5.89
C LYS C 148 0.71 -16.49 6.92
N ASP C 149 0.42 -15.21 7.16
CA ASP C 149 0.99 -14.45 8.27
C ASP C 149 2.52 -14.42 8.22
N TYR C 150 3.04 -13.79 7.16
CA TYR C 150 4.46 -13.55 7.05
C TYR C 150 4.70 -12.07 6.81
N PHE C 151 5.85 -11.58 7.26
CA PHE C 151 6.21 -10.18 7.12
C PHE C 151 7.72 -10.02 7.25
N PRO C 152 8.36 -9.25 6.35
CA PRO C 152 7.80 -8.56 5.18
C PRO C 152 7.95 -9.37 3.91
N GLU C 153 7.73 -8.75 2.75
CA GLU C 153 7.97 -9.41 1.48
C GLU C 153 9.46 -9.63 1.28
N PRO C 154 9.84 -10.60 0.43
CA PRO C 154 9.03 -11.55 -0.33
C PRO C 154 9.11 -12.98 0.18
N VAL C 155 8.37 -13.90 -0.45
CA VAL C 155 8.47 -15.33 -0.19
C VAL C 155 8.63 -16.07 -1.51
N THR C 156 9.50 -17.07 -1.53
CA THR C 156 9.77 -17.88 -2.71
C THR C 156 9.14 -19.25 -2.53
N VAL C 157 8.39 -19.70 -3.53
CA VAL C 157 7.70 -20.98 -3.49
C VAL C 157 8.19 -21.84 -4.65
N SER C 158 8.60 -23.06 -4.34
CA SER C 158 8.98 -24.06 -5.33
C SER C 158 8.31 -25.37 -4.98
N TRP C 159 8.16 -26.23 -5.99
CA TRP C 159 7.49 -27.52 -5.81
C TRP C 159 8.44 -28.63 -6.22
N ASN C 160 8.58 -29.63 -5.34
CA ASN C 160 9.44 -30.79 -5.57
C ASN C 160 10.88 -30.36 -5.87
N SER C 161 11.38 -29.41 -5.08
CA SER C 161 12.73 -28.86 -5.23
C SER C 161 12.95 -28.31 -6.64
N GLY C 162 11.92 -27.66 -7.17
CA GLY C 162 12.01 -27.06 -8.50
C GLY C 162 11.82 -28.03 -9.65
N ALA C 163 11.57 -29.31 -9.38
CA ALA C 163 11.37 -30.27 -10.47
C ALA C 163 10.06 -30.04 -11.20
N LEU C 164 9.04 -29.56 -10.49
CA LEU C 164 7.72 -29.31 -11.08
C LEU C 164 7.61 -27.83 -11.40
N THR C 165 7.42 -27.52 -12.69
CA THR C 165 7.30 -26.14 -13.14
C THR C 165 6.14 -25.91 -14.09
N SER C 166 5.41 -26.95 -14.46
CA SER C 166 4.29 -26.82 -15.40
C SER C 166 2.99 -26.58 -14.64
N GLY C 167 2.21 -25.61 -15.12
CA GLY C 167 0.93 -25.31 -14.51
C GLY C 167 1.02 -24.82 -13.08
N VAL C 168 2.05 -24.05 -12.77
CA VAL C 168 2.25 -23.49 -11.44
C VAL C 168 1.92 -22.01 -11.48
N HIS C 169 1.06 -21.56 -10.58
CA HIS C 169 0.67 -20.16 -10.49
C HIS C 169 0.74 -19.74 -9.02
N THR C 170 1.70 -18.88 -8.70
CA THR C 170 1.87 -18.33 -7.36
C THR C 170 1.24 -16.94 -7.35
N PHE C 171 0.06 -16.84 -6.74
CA PHE C 171 -0.70 -15.60 -6.76
C PHE C 171 0.00 -14.52 -5.92
N PRO C 172 -0.14 -13.26 -6.30
CA PRO C 172 0.42 -12.17 -5.49
C PRO C 172 -0.20 -12.14 -4.10
N ALA C 173 0.62 -11.75 -3.12
CA ALA C 173 0.18 -11.72 -1.75
C ALA C 173 -0.87 -10.62 -1.53
N VAL C 174 -1.64 -10.77 -0.45
CA VAL C 174 -2.66 -9.82 -0.05
C VAL C 174 -2.23 -9.17 1.26
N LEU C 175 -2.42 -7.86 1.35
CA LEU C 175 -2.10 -7.11 2.56
C LEU C 175 -3.35 -7.09 3.43
N GLN C 176 -3.31 -7.80 4.55
CA GLN C 176 -4.46 -7.93 5.43
C GLN C 176 -4.57 -6.71 6.33
N SER C 177 -5.60 -6.71 7.19
CA SER C 177 -5.78 -5.61 8.13
C SER C 177 -4.65 -5.55 9.14
N SER C 178 -4.13 -6.71 9.55
CA SER C 178 -3.03 -6.75 10.51
C SER C 178 -1.76 -6.13 9.98
N GLY C 179 -1.63 -5.98 8.66
CA GLY C 179 -0.40 -5.54 8.05
C GLY C 179 0.52 -6.66 7.60
N LEU C 180 0.15 -7.91 7.86
CA LEU C 180 0.92 -9.04 7.39
C LEU C 180 0.55 -9.36 5.93
N TYR C 181 1.22 -10.37 5.37
CA TYR C 181 1.01 -10.78 3.99
C TYR C 181 0.64 -12.25 3.95
N SER C 182 -0.30 -12.60 3.07
CA SER C 182 -0.69 -13.97 2.84
C SER C 182 -0.69 -14.26 1.35
N LEU C 183 -0.16 -15.42 0.99
CA LEU C 183 0.06 -15.79 -0.40
C LEU C 183 -0.38 -17.23 -0.61
N SER C 184 -0.71 -17.57 -1.84
CA SER C 184 -1.09 -18.94 -2.18
C SER C 184 -0.48 -19.33 -3.51
N SER C 185 0.02 -20.57 -3.59
CA SER C 185 0.56 -21.14 -4.81
C SER C 185 -0.09 -22.50 -5.04
N VAL C 186 -0.50 -22.75 -6.28
CA VAL C 186 -1.19 -23.99 -6.63
C VAL C 186 -0.56 -24.57 -7.88
N VAL C 187 -0.71 -25.90 -8.04
CA VAL C 187 -0.22 -26.63 -9.20
C VAL C 187 -1.36 -27.48 -9.75
N THR C 188 -1.49 -27.49 -11.07
CA THR C 188 -2.53 -28.25 -11.76
C THR C 188 -1.91 -29.54 -12.30
N VAL C 189 -2.45 -30.68 -11.88
CA VAL C 189 -1.93 -31.98 -12.28
C VAL C 189 -3.09 -32.85 -12.74
N PRO C 190 -2.83 -33.84 -13.58
CA PRO C 190 -3.89 -34.78 -13.97
C PRO C 190 -4.47 -35.50 -12.76
N SER C 191 -5.77 -35.76 -12.83
CA SER C 191 -6.48 -36.34 -11.70
C SER C 191 -6.12 -37.79 -11.43
N SER C 192 -5.37 -38.44 -12.33
CA SER C 192 -5.06 -39.85 -12.19
C SER C 192 -3.80 -40.11 -11.36
N SER C 193 -3.06 -39.07 -10.98
CA SER C 193 -1.79 -39.24 -10.27
C SER C 193 -1.84 -38.82 -8.81
N LEU C 194 -3.04 -38.66 -8.25
CA LEU C 194 -3.16 -38.22 -6.86
C LEU C 194 -2.58 -39.26 -5.90
N GLY C 195 -2.93 -40.53 -6.11
CA GLY C 195 -2.46 -41.60 -5.26
C GLY C 195 -1.14 -42.22 -5.66
N THR C 196 -0.48 -41.68 -6.68
CA THR C 196 0.77 -42.24 -7.18
C THR C 196 1.98 -41.40 -6.77
N GLN C 197 1.97 -40.11 -7.07
CA GLN C 197 3.09 -39.23 -6.79
C GLN C 197 2.70 -38.21 -5.71
N THR C 198 3.61 -37.98 -4.77
CA THR C 198 3.39 -37.00 -3.72
C THR C 198 3.61 -35.59 -4.27
N TYR C 199 3.43 -34.59 -3.41
CA TYR C 199 3.66 -33.20 -3.78
C TYR C 199 4.15 -32.44 -2.56
N ILE C 200 5.28 -31.75 -2.71
CA ILE C 200 5.90 -30.99 -1.62
C ILE C 200 6.05 -29.54 -2.09
N CYS C 201 5.64 -28.60 -1.24
CA CYS C 201 5.83 -27.19 -1.50
C CYS C 201 6.87 -26.63 -0.54
N ASN C 202 7.86 -25.94 -1.09
CA ASN C 202 8.95 -25.36 -0.31
C ASN C 202 8.78 -23.84 -0.30
N VAL C 203 8.63 -23.27 0.90
CA VAL C 203 8.40 -21.85 1.08
C VAL C 203 9.61 -21.26 1.76
N ASN C 204 10.20 -20.24 1.14
CA ASN C 204 11.36 -19.54 1.67
C ASN C 204 10.99 -18.12 2.05
N HIS C 205 11.31 -17.73 3.28
CA HIS C 205 11.15 -16.35 3.75
C HIS C 205 12.49 -15.95 4.36
N LYS C 206 13.38 -15.44 3.51
CA LYS C 206 14.72 -15.06 3.96
C LYS C 206 14.74 -14.03 5.08
N PRO C 207 13.86 -13.02 5.12
CA PRO C 207 13.93 -12.04 6.22
C PRO C 207 13.89 -12.66 7.61
N SER C 208 13.07 -13.68 7.82
CA SER C 208 13.06 -14.42 9.07
C SER C 208 13.90 -15.70 9.01
N ASN C 209 14.56 -15.94 7.88
CA ASN C 209 15.39 -17.15 7.69
C ASN C 209 14.58 -18.41 7.92
N THR C 210 13.42 -18.49 7.25
CA THR C 210 12.48 -19.57 7.41
C THR C 210 12.43 -20.39 6.12
N LYS C 211 12.68 -21.70 6.25
CA LYS C 211 12.57 -22.62 5.13
C LYS C 211 11.77 -23.83 5.61
N VAL C 212 10.58 -24.02 5.03
CA VAL C 212 9.63 -25.02 5.48
C VAL C 212 9.15 -25.83 4.29
N ASP C 213 8.98 -27.14 4.48
CA ASP C 213 8.44 -28.03 3.47
C ASP C 213 7.19 -28.72 4.01
N LYS C 214 6.16 -28.81 3.18
CA LYS C 214 4.90 -29.46 3.53
C LYS C 214 4.46 -30.36 2.41
N LYS C 215 3.78 -31.45 2.77
CA LYS C 215 3.26 -32.41 1.82
C LYS C 215 1.77 -32.20 1.64
N VAL C 216 1.35 -32.04 0.38
CA VAL C 216 -0.06 -31.83 0.05
C VAL C 216 -0.66 -33.14 -0.44
N GLU C 217 -1.69 -33.62 0.25
CA GLU C 217 -2.41 -34.83 -0.11
C GLU C 217 -3.91 -34.59 0.05
N PRO C 218 -4.74 -35.30 -0.72
CA PRO C 218 -6.20 -35.17 -0.63
C PRO C 218 -6.74 -35.45 0.77
N LEU D 4 -25.26 -6.59 11.90
CA LEU D 4 -26.16 -5.67 11.20
C LEU D 4 -25.62 -5.36 9.81
N THR D 5 -26.54 -5.11 8.87
CA THR D 5 -26.19 -4.87 7.48
C THR D 5 -26.47 -3.41 7.15
N GLN D 6 -25.45 -2.71 6.68
CA GLN D 6 -25.55 -1.31 6.28
C GLN D 6 -24.90 -1.12 4.92
N PRO D 7 -25.34 -0.12 4.15
CA PRO D 7 -24.68 0.16 2.87
C PRO D 7 -23.23 0.56 3.07
N ALA D 8 -22.38 0.15 2.12
CA ALA D 8 -20.97 0.48 2.22
C ALA D 8 -20.74 1.98 2.12
N SER D 9 -21.50 2.67 1.26
CA SER D 9 -21.38 4.09 1.09
C SER D 9 -22.63 4.63 0.43
N VAL D 10 -23.00 5.86 0.81
CA VAL D 10 -24.12 6.57 0.18
C VAL D 10 -23.59 7.90 -0.33
N SER D 11 -24.16 8.36 -1.45
CA SER D 11 -23.72 9.59 -2.09
C SER D 11 -24.93 10.48 -2.35
N GLY D 12 -24.69 11.79 -2.28
CA GLY D 12 -25.73 12.77 -2.50
C GLY D 12 -25.19 14.16 -2.74
N SER D 13 -25.83 15.17 -2.16
CA SER D 13 -25.44 16.57 -2.31
C SER D 13 -26.20 17.38 -1.26
N PRO D 14 -25.87 18.67 -1.06
CA PRO D 14 -26.71 19.49 -0.18
C PRO D 14 -28.17 19.51 -0.59
N GLY D 15 -29.02 18.93 0.24
CA GLY D 15 -30.44 18.82 -0.04
C GLY D 15 -30.89 17.47 -0.58
N GLN D 16 -29.96 16.57 -0.90
CA GLN D 16 -30.35 15.26 -1.41
C GLN D 16 -31.12 14.46 -0.36
N SER D 17 -30.73 14.58 0.91
CA SER D 17 -31.43 13.95 2.03
C SER D 17 -31.48 12.43 1.87
N ILE D 18 -30.30 11.83 1.92
CA ILE D 18 -30.17 10.38 1.81
C ILE D 18 -30.53 9.74 3.14
N THR D 19 -31.22 8.61 3.07
CA THR D 19 -31.61 7.85 4.26
C THR D 19 -30.70 6.62 4.38
N ILE D 20 -30.21 6.38 5.59
CA ILE D 20 -29.29 5.28 5.86
C ILE D 20 -30.10 4.09 6.39
N SER D 21 -29.99 2.96 5.70
CA SER D 21 -30.71 1.76 6.08
C SER D 21 -29.96 0.96 7.13
N CYS D 22 -30.71 0.19 7.92
CA CYS D 22 -30.15 -0.63 8.99
C CYS D 22 -30.96 -1.93 9.03
N ILE D 23 -30.49 -2.94 8.31
CA ILE D 23 -31.23 -4.18 8.10
C ILE D 23 -30.91 -5.16 9.22
N GLY D 24 -31.89 -6.02 9.53
CA GLY D 24 -31.68 -7.12 10.46
C GLY D 24 -31.81 -6.76 11.93
N THR D 25 -32.32 -5.58 12.26
CA THR D 25 -32.43 -5.15 13.65
C THR D 25 -33.73 -5.65 14.26
N SER D 26 -33.69 -5.89 15.58
CA SER D 26 -34.86 -6.31 16.31
C SER D 26 -35.68 -5.10 16.74
N SER D 27 -36.87 -5.37 17.28
CA SER D 27 -37.77 -4.30 17.68
C SER D 27 -37.22 -3.54 18.87
N ASP D 28 -37.38 -2.22 18.83
CA ASP D 28 -37.04 -1.32 19.94
C ASP D 28 -35.53 -1.26 20.20
N ASN D 29 -35.09 -0.22 20.91
CA ASN D 29 -33.70 -0.08 21.36
C ASN D 29 -32.74 -0.08 20.17
N VAL D 30 -32.89 0.93 19.33
CA VAL D 30 -32.01 1.13 18.17
C VAL D 30 -31.37 2.50 18.31
N SER D 31 -30.04 2.56 18.18
CA SER D 31 -29.29 3.78 18.36
C SER D 31 -28.40 4.03 17.15
N TRP D 32 -28.08 5.31 16.92
CA TRP D 32 -27.22 5.72 15.83
C TRP D 32 -26.06 6.54 16.36
N TYR D 33 -24.91 6.41 15.70
CA TYR D 33 -23.70 7.12 16.08
C TYR D 33 -23.06 7.74 14.85
N GLN D 34 -22.57 8.96 15.01
CA GLN D 34 -21.88 9.70 13.97
C GLN D 34 -20.42 9.83 14.35
N HIS D 35 -19.52 9.33 13.51
CA HIS D 35 -18.09 9.28 13.82
C HIS D 35 -17.32 10.08 12.78
N HIS D 36 -16.97 11.32 13.13
CA HIS D 36 -15.99 12.06 12.34
C HIS D 36 -14.60 11.53 12.64
N PRO D 37 -13.78 11.27 11.63
CA PRO D 37 -12.43 10.77 11.88
C PRO D 37 -11.62 11.74 12.74
N GLY D 38 -10.87 11.19 13.69
CA GLY D 38 -10.06 11.98 14.59
C GLY D 38 -10.75 12.39 15.88
N LYS D 39 -12.05 12.13 16.02
CA LYS D 39 -12.77 12.45 17.24
C LYS D 39 -13.72 11.31 17.60
N ALA D 40 -14.07 11.24 18.88
CA ALA D 40 -14.93 10.17 19.35
C ALA D 40 -16.35 10.35 18.79
N PRO D 41 -17.04 9.26 18.47
CA PRO D 41 -18.40 9.38 17.92
C PRO D 41 -19.39 9.90 18.96
N LYS D 42 -20.44 10.53 18.47
CA LYS D 42 -21.49 11.10 19.32
C LYS D 42 -22.82 10.44 19.01
N LEU D 43 -23.65 10.33 20.04
CA LEU D 43 -24.97 9.70 19.89
C LEU D 43 -25.91 10.63 19.13
N MET D 44 -26.60 10.06 18.13
CA MET D 44 -27.53 10.82 17.30
C MET D 44 -28.98 10.48 17.55
N ILE D 45 -29.30 9.22 17.81
CA ILE D 45 -30.67 8.78 18.07
C ILE D 45 -30.65 7.93 19.34
N TYR D 46 -31.55 8.26 20.28
CA TYR D 46 -31.61 7.52 21.54
C TYR D 46 -32.20 6.12 21.34
N GLU D 47 -33.44 6.05 20.89
CA GLU D 47 -34.09 4.77 20.63
C GLU D 47 -35.12 4.97 19.53
N VAL D 48 -34.83 4.43 18.34
CA VAL D 48 -35.69 4.48 17.17
C VAL D 48 -35.79 5.89 16.61
N ASP D 49 -36.50 6.78 17.32
CA ASP D 49 -36.77 8.12 16.82
C ASP D 49 -36.38 9.25 17.78
N ASN D 50 -36.00 8.95 19.01
CA ASN D 50 -35.66 10.00 19.97
C ASN D 50 -34.33 10.64 19.62
N ARG D 51 -34.15 11.88 20.08
CA ARG D 51 -32.95 12.64 19.82
C ARG D 51 -32.39 13.20 21.13
N PRO D 52 -31.07 13.21 21.30
CA PRO D 52 -30.48 13.84 22.48
C PRO D 52 -30.67 15.34 22.47
N SER D 53 -30.68 15.91 23.67
CA SER D 53 -30.73 17.37 23.80
C SER D 53 -29.42 17.96 23.28
N GLY D 54 -29.53 19.02 22.48
CA GLY D 54 -28.37 19.64 21.88
C GLY D 54 -28.03 19.16 20.49
N VAL D 55 -28.65 18.09 20.01
CA VAL D 55 -28.45 17.62 18.65
C VAL D 55 -29.48 18.30 17.74
N SER D 56 -29.15 18.41 16.46
CA SER D 56 -30.03 19.06 15.51
C SER D 56 -31.26 18.19 15.25
N ALA D 57 -32.40 18.84 15.06
CA ALA D 57 -33.61 18.15 14.62
C ALA D 57 -33.53 17.69 13.18
N ARG D 58 -32.51 18.14 12.45
CA ARG D 58 -32.29 17.67 11.08
C ARG D 58 -32.06 16.17 11.03
N PHE D 59 -31.49 15.60 12.09
CA PHE D 59 -31.33 14.16 12.21
C PHE D 59 -32.58 13.58 12.86
N SER D 60 -33.22 12.63 12.19
CA SER D 60 -34.42 12.00 12.71
C SER D 60 -34.42 10.52 12.34
N GLY D 61 -34.84 9.68 13.30
CA GLY D 61 -34.86 8.25 13.07
C GLY D 61 -36.26 7.69 12.95
N SER D 62 -36.38 6.50 12.37
CA SER D 62 -37.67 5.85 12.20
C SER D 62 -37.45 4.35 12.10
N LYS D 63 -38.52 3.60 12.32
CA LYS D 63 -38.48 2.14 12.30
C LYS D 63 -39.60 1.61 11.41
N SER D 64 -39.30 0.56 10.66
CA SER D 64 -40.27 -0.13 9.81
C SER D 64 -40.42 -1.59 10.24
N GLY D 65 -40.43 -1.83 11.55
CA GLY D 65 -40.65 -3.17 12.07
C GLY D 65 -39.40 -4.03 12.11
N ASN D 66 -38.79 -4.27 10.95
CA ASN D 66 -37.59 -5.09 10.86
C ASN D 66 -36.34 -4.31 10.49
N THR D 67 -36.48 -3.08 9.99
CA THR D 67 -35.34 -2.28 9.56
C THR D 67 -35.52 -0.86 10.05
N ALA D 68 -34.52 -0.37 10.78
CA ALA D 68 -34.48 1.02 11.21
C ALA D 68 -33.77 1.87 10.16
N SER D 69 -34.05 3.17 10.18
CA SER D 69 -33.48 4.08 9.19
C SER D 69 -33.27 5.44 9.82
N LEU D 70 -32.29 6.18 9.29
CA LEU D 70 -31.97 7.53 9.72
C LEU D 70 -32.10 8.47 8.53
N THR D 71 -32.88 9.54 8.70
CA THR D 71 -33.10 10.53 7.66
C THR D 71 -32.48 11.85 8.08
N ILE D 72 -31.66 12.42 7.18
CA ILE D 72 -31.08 13.74 7.37
C ILE D 72 -31.74 14.67 6.37
N SER D 73 -32.45 15.68 6.86
CA SER D 73 -33.29 16.50 5.99
C SER D 73 -32.46 17.22 4.93
N GLY D 74 -31.30 17.72 5.31
CA GLY D 74 -30.41 18.35 4.35
C GLY D 74 -28.97 17.96 4.60
N LEU D 75 -28.29 17.47 3.56
CA LEU D 75 -26.89 17.08 3.70
C LEU D 75 -26.03 18.34 3.80
N GLN D 76 -25.78 18.79 5.02
CA GLN D 76 -24.94 19.96 5.24
C GLN D 76 -23.48 19.59 5.02
N ALA D 77 -22.68 20.60 4.64
CA ALA D 77 -21.26 20.38 4.41
C ALA D 77 -20.53 19.91 5.66
N GLU D 78 -21.08 20.21 6.84
CA GLU D 78 -20.48 19.74 8.09
C GLU D 78 -20.76 18.26 8.35
N ASP D 79 -21.91 17.76 7.91
CA ASP D 79 -22.39 16.43 8.30
C ASP D 79 -21.99 15.40 7.25
N GLU D 80 -20.73 14.97 7.33
CA GLU D 80 -20.27 13.78 6.62
C GLU D 80 -19.39 12.99 7.57
N ALA D 81 -19.64 11.69 7.68
CA ALA D 81 -18.95 10.84 8.62
C ALA D 81 -19.34 9.39 8.35
N ASP D 82 -18.80 8.48 9.15
CA ASP D 82 -19.22 7.09 9.17
C ASP D 82 -20.33 6.93 10.20
N TYR D 83 -21.40 6.26 9.81
CA TYR D 83 -22.59 6.11 10.65
C TYR D 83 -22.79 4.64 10.99
N TYR D 84 -22.99 4.36 12.27
CA TYR D 84 -23.18 3.00 12.76
C TYR D 84 -24.49 2.93 13.54
N CYS D 85 -25.37 2.02 13.15
CA CYS D 85 -26.55 1.71 13.92
C CYS D 85 -26.28 0.48 14.79
N SER D 86 -26.70 0.54 16.04
CA SER D 86 -26.39 -0.50 17.01
C SER D 86 -27.68 -1.08 17.58
N SER D 87 -27.79 -2.40 17.56
CA SER D 87 -28.84 -3.13 18.24
C SER D 87 -28.20 -3.93 19.36
N TYR D 88 -28.53 -3.60 20.61
CA TYR D 88 -27.90 -4.16 21.80
C TYR D 88 -26.40 -3.83 21.73
N GLU D 89 -25.51 -4.82 21.66
CA GLU D 89 -24.08 -4.58 21.80
C GLU D 89 -23.31 -4.86 20.52
N VAL D 90 -23.94 -4.67 19.35
CA VAL D 90 -23.26 -4.85 18.07
C VAL D 90 -23.70 -3.73 17.13
N PHE D 91 -22.73 -3.13 16.44
CA PHE D 91 -22.97 -2.02 15.54
C PHE D 91 -23.16 -2.52 14.11
N GLY D 92 -23.35 -1.57 13.18
CA GLY D 92 -23.50 -1.89 11.79
C GLY D 92 -22.16 -1.98 11.07
N THR D 93 -22.23 -2.20 9.76
CA THR D 93 -21.03 -2.31 8.96
C THR D 93 -20.30 -0.97 8.84
N GLY D 94 -21.05 0.12 8.78
CA GLY D 94 -20.45 1.44 8.62
C GLY D 94 -20.69 2.03 7.25
N THR D 95 -21.33 3.19 7.19
CA THR D 95 -21.71 3.83 5.93
C THR D 95 -20.75 4.98 5.65
N LYS D 96 -20.05 4.90 4.52
CA LYS D 96 -19.19 5.99 4.06
C LYS D 96 -20.05 7.05 3.40
N VAL D 97 -20.60 7.96 4.22
CA VAL D 97 -21.54 8.96 3.75
C VAL D 97 -20.74 10.12 3.17
N THR D 98 -20.71 10.21 1.84
CA THR D 98 -19.92 11.23 1.15
C THR D 98 -20.81 12.25 0.48
N VAL D 99 -20.31 13.48 0.38
CA VAL D 99 -21.03 14.58 -0.23
C VAL D 99 -20.50 14.81 -1.65
N LEU D 100 -21.15 15.72 -2.39
CA LEU D 100 -20.77 15.99 -3.77
C LEU D 100 -20.92 17.44 -4.19
N GLY D 101 -21.68 18.25 -3.47
CA GLY D 101 -21.87 19.63 -3.88
C GLY D 101 -21.00 20.61 -3.12
N GLN D 102 -20.01 20.11 -2.37
CA GLN D 102 -19.26 20.95 -1.46
C GLN D 102 -18.38 21.95 -2.21
N PRO D 103 -18.20 23.15 -1.67
CA PRO D 103 -17.28 24.12 -2.28
C PRO D 103 -15.86 23.57 -2.34
N LYS D 104 -15.19 23.86 -3.46
CA LYS D 104 -13.81 23.42 -3.64
C LYS D 104 -12.87 24.36 -2.90
N ALA D 105 -11.90 23.79 -2.21
CA ALA D 105 -10.93 24.53 -1.42
C ALA D 105 -9.56 24.43 -2.08
N ALA D 106 -8.93 25.57 -2.33
CA ALA D 106 -7.63 25.60 -2.97
C ALA D 106 -6.56 25.06 -2.01
N PRO D 107 -5.56 24.36 -2.53
CA PRO D 107 -4.52 23.79 -1.67
C PRO D 107 -3.55 24.84 -1.17
N SER D 108 -2.90 24.51 -0.06
CA SER D 108 -1.82 25.32 0.50
C SER D 108 -0.53 24.50 0.41
N VAL D 109 0.49 25.07 -0.23
CA VAL D 109 1.73 24.37 -0.50
C VAL D 109 2.87 25.05 0.26
N THR D 110 3.65 24.25 0.99
CA THR D 110 4.86 24.71 1.66
C THR D 110 6.02 23.85 1.20
N LEU D 111 7.12 24.49 0.81
CA LEU D 111 8.27 23.80 0.26
C LEU D 111 9.50 24.09 1.12
N PHE D 112 10.24 23.04 1.46
CA PHE D 112 11.45 23.16 2.26
C PHE D 112 12.66 22.70 1.46
N PRO D 113 13.71 23.49 1.37
CA PRO D 113 14.97 23.02 0.76
C PRO D 113 15.63 22.01 1.66
N PRO D 114 16.53 21.18 1.13
CA PRO D 114 17.25 20.22 1.97
C PRO D 114 18.01 20.94 3.08
N SER D 115 17.96 20.36 4.27
CA SER D 115 18.55 21.00 5.44
C SER D 115 20.06 20.97 5.37
N SER D 116 20.68 21.87 6.13
CA SER D 116 22.13 21.91 6.20
C SER D 116 22.69 20.64 6.84
N GLU D 117 21.98 20.11 7.84
CA GLU D 117 22.41 18.84 8.45
C GLU D 117 22.32 17.68 7.47
N GLU D 118 21.22 17.61 6.71
CA GLU D 118 21.07 16.52 5.74
C GLU D 118 22.13 16.59 4.66
N LEU D 119 22.44 17.80 4.19
CA LEU D 119 23.52 17.97 3.22
C LEU D 119 24.87 17.57 3.79
N GLN D 120 25.03 17.62 5.11
CA GLN D 120 26.24 17.12 5.77
C GLN D 120 26.26 15.60 5.89
N ALA D 121 25.35 14.91 5.20
CA ALA D 121 25.35 13.45 5.18
C ALA D 121 25.15 12.90 3.77
N ASN D 122 25.48 13.70 2.75
CA ASN D 122 25.36 13.29 1.34
C ASN D 122 23.91 12.96 0.96
N LYS D 123 22.95 13.62 1.62
CA LYS D 123 21.54 13.45 1.30
C LYS D 123 20.91 14.81 1.10
N ALA D 124 20.00 14.91 0.14
CA ALA D 124 19.29 16.14 -0.15
C ALA D 124 17.86 15.79 -0.55
N THR D 125 16.89 16.22 0.26
CA THR D 125 15.49 15.94 0.01
C THR D 125 14.69 17.23 0.08
N LEU D 126 13.77 17.40 -0.86
CA LEU D 126 12.84 18.53 -0.86
C LEU D 126 11.47 18.03 -0.40
N VAL D 127 10.91 18.72 0.58
CA VAL D 127 9.63 18.35 1.18
C VAL D 127 8.59 19.37 0.75
N CYS D 128 7.58 18.92 0.01
CA CYS D 128 6.50 19.77 -0.49
C CYS D 128 5.20 19.29 0.14
N LEU D 129 4.73 20.03 1.15
CA LEU D 129 3.56 19.64 1.92
C LEU D 129 2.34 20.37 1.42
N ILE D 130 1.26 19.63 1.17
CA ILE D 130 0.01 20.16 0.65
C ILE D 130 -1.09 19.87 1.67
N SER D 131 -1.93 20.87 1.92
CA SER D 131 -2.96 20.72 2.94
C SER D 131 -4.14 21.63 2.63
N ASP D 132 -5.28 21.31 3.26
CA ASP D 132 -6.49 22.13 3.24
C ASP D 132 -7.01 22.35 1.82
N PHE D 133 -7.25 21.23 1.13
CA PHE D 133 -7.82 21.27 -0.21
C PHE D 133 -8.96 20.27 -0.32
N TYR D 134 -10.01 20.66 -1.05
CA TYR D 134 -11.14 19.80 -1.31
C TYR D 134 -11.52 19.92 -2.79
N PRO D 135 -11.77 18.80 -3.48
CA PRO D 135 -11.72 17.41 -2.98
C PRO D 135 -10.30 16.86 -2.95
N GLY D 136 -10.14 15.57 -2.65
CA GLY D 136 -8.83 14.97 -2.54
C GLY D 136 -8.27 14.44 -3.85
N ALA D 137 -7.88 15.34 -4.75
CA ALA D 137 -7.29 14.94 -6.02
C ALA D 137 -6.39 16.09 -6.48
N VAL D 138 -5.07 15.91 -6.32
CA VAL D 138 -4.09 16.91 -6.71
C VAL D 138 -3.00 16.22 -7.51
N THR D 139 -2.50 16.91 -8.53
CA THR D 139 -1.38 16.44 -9.34
C THR D 139 -0.14 17.21 -8.97
N VAL D 140 0.95 16.50 -8.69
CA VAL D 140 2.21 17.10 -8.28
C VAL D 140 3.23 16.89 -9.38
N ALA D 141 3.88 17.97 -9.81
CA ALA D 141 4.94 17.92 -10.81
C ALA D 141 6.12 18.75 -10.31
N TRP D 142 7.32 18.18 -10.41
CA TRP D 142 8.54 18.86 -10.01
C TRP D 142 9.29 19.36 -11.25
N LYS D 143 9.85 20.57 -11.14
CA LYS D 143 10.60 21.17 -12.24
C LYS D 143 11.90 21.74 -11.70
N ALA D 144 12.99 21.49 -12.41
CA ALA D 144 14.32 22.01 -12.09
C ALA D 144 14.68 23.05 -13.14
N ASP D 145 14.55 24.33 -12.77
CA ASP D 145 14.77 25.45 -13.68
C ASP D 145 13.88 25.37 -14.90
N SER D 146 12.67 24.82 -14.72
CA SER D 146 11.71 24.67 -15.79
C SER D 146 11.68 23.29 -16.42
N SER D 147 12.72 22.49 -16.22
CA SER D 147 12.76 21.14 -16.79
C SER D 147 12.02 20.17 -15.87
N PRO D 148 10.96 19.52 -16.33
CA PRO D 148 10.28 18.54 -15.47
C PRO D 148 11.21 17.40 -15.08
N VAL D 149 11.12 16.98 -13.83
CA VAL D 149 11.93 15.89 -13.28
C VAL D 149 11.01 14.89 -12.61
N LYS D 150 11.21 13.61 -12.95
CA LYS D 150 10.39 12.54 -12.40
C LYS D 150 11.16 11.53 -11.56
N ALA D 151 12.47 11.41 -11.75
CA ALA D 151 13.25 10.43 -11.01
C ALA D 151 13.28 10.78 -9.53
N GLY D 152 13.06 9.77 -8.69
CA GLY D 152 13.11 9.97 -7.25
C GLY D 152 12.04 10.89 -6.70
N VAL D 153 10.80 10.74 -7.16
CA VAL D 153 9.67 11.53 -6.67
C VAL D 153 8.67 10.57 -6.04
N GLU D 154 8.33 10.81 -4.78
CA GLU D 154 7.36 9.99 -4.05
C GLU D 154 6.28 10.90 -3.49
N THR D 155 5.07 10.78 -4.00
CA THR D 155 3.92 11.55 -3.54
C THR D 155 2.91 10.61 -2.92
N THR D 156 2.50 10.89 -1.69
CA THR D 156 1.54 10.05 -1.00
C THR D 156 0.13 10.33 -1.52
N THR D 157 -0.74 9.34 -1.35
CA THR D 157 -2.14 9.54 -1.66
C THR D 157 -2.75 10.52 -0.65
N PRO D 158 -3.68 11.38 -1.08
CA PRO D 158 -4.30 12.32 -0.15
C PRO D 158 -5.08 11.59 0.95
N SER D 159 -5.13 12.20 2.13
CA SER D 159 -5.79 11.60 3.28
C SER D 159 -6.61 12.66 4.00
N LYS D 160 -7.64 12.19 4.71
CA LYS D 160 -8.50 13.10 5.46
C LYS D 160 -7.75 13.73 6.62
N GLN D 161 -8.09 14.97 6.92
CA GLN D 161 -7.58 15.69 8.07
C GLN D 161 -8.63 15.68 9.17
N SER D 162 -8.37 16.42 10.25
CA SER D 162 -9.34 16.57 11.33
C SER D 162 -10.41 17.60 11.01
N ASN D 163 -10.28 18.35 9.91
CA ASN D 163 -11.25 19.36 9.52
C ASN D 163 -11.95 19.02 8.21
N ASN D 164 -12.08 17.73 7.93
CA ASN D 164 -12.80 17.20 6.76
C ASN D 164 -12.18 17.62 5.44
N LYS D 165 -10.97 18.16 5.45
CA LYS D 165 -10.24 18.48 4.24
C LYS D 165 -9.14 17.44 4.01
N TYR D 166 -8.42 17.57 2.91
CA TYR D 166 -7.42 16.59 2.52
C TYR D 166 -6.01 17.17 2.65
N ALA D 167 -5.05 16.26 2.84
CA ALA D 167 -3.63 16.62 2.91
C ALA D 167 -2.81 15.56 2.18
N ALA D 168 -1.69 16.00 1.61
CA ALA D 168 -0.78 15.11 0.92
C ALA D 168 0.63 15.69 1.00
N SER D 169 1.62 14.82 0.84
CA SER D 169 3.01 15.21 0.89
C SER D 169 3.75 14.66 -0.32
N SER D 170 4.66 15.48 -0.85
CA SER D 170 5.46 15.11 -2.02
C SER D 170 6.93 15.32 -1.70
N TYR D 171 7.75 14.32 -2.03
CA TYR D 171 9.17 14.36 -1.73
C TYR D 171 9.98 14.17 -3.00
N LEU D 172 11.17 14.79 -3.02
CA LEU D 172 12.11 14.65 -4.12
C LEU D 172 13.47 14.30 -3.55
N SER D 173 13.97 13.11 -3.89
CA SER D 173 15.28 12.66 -3.44
C SER D 173 16.33 13.05 -4.47
N LEU D 174 17.36 13.77 -4.03
CA LEU D 174 18.40 14.27 -4.92
C LEU D 174 19.76 14.10 -4.25
N THR D 175 20.79 14.02 -5.09
CA THR D 175 22.15 14.09 -4.58
C THR D 175 22.53 15.54 -4.32
N PRO D 176 23.46 15.78 -3.40
CA PRO D 176 23.86 17.18 -3.12
C PRO D 176 24.44 17.91 -4.32
N GLU D 177 25.04 17.18 -5.27
CA GLU D 177 25.65 17.84 -6.42
C GLU D 177 24.59 18.46 -7.33
N GLN D 178 23.54 17.70 -7.65
CA GLN D 178 22.50 18.23 -8.52
C GLN D 178 21.60 19.23 -7.82
N TRP D 179 21.65 19.31 -6.49
CA TRP D 179 20.89 20.33 -5.78
C TRP D 179 21.51 21.71 -5.95
N LYS D 180 22.84 21.79 -5.87
CA LYS D 180 23.53 23.08 -5.99
C LYS D 180 23.75 23.49 -7.44
N SER D 181 23.62 22.57 -8.40
CA SER D 181 23.86 22.91 -9.79
C SER D 181 22.74 23.77 -10.36
N HIS D 182 21.49 23.42 -10.06
CA HIS D 182 20.35 24.16 -10.57
C HIS D 182 20.07 25.40 -9.72
N ARG D 183 19.40 26.37 -10.33
CA ARG D 183 19.15 27.64 -9.67
C ARG D 183 17.92 27.61 -8.77
N SER D 184 16.98 26.71 -9.01
CA SER D 184 15.78 26.61 -8.20
C SER D 184 15.06 25.33 -8.54
N TYR D 185 14.45 24.73 -7.52
CA TYR D 185 13.57 23.58 -7.68
C TYR D 185 12.15 23.99 -7.31
N SER D 186 11.19 23.55 -8.12
CA SER D 186 9.81 24.00 -8.02
C SER D 186 8.89 22.82 -7.77
N CYS D 187 7.96 22.98 -6.83
CA CYS D 187 6.90 22.01 -6.58
C CYS D 187 5.59 22.61 -7.09
N GLN D 188 5.08 22.08 -8.19
CA GLN D 188 3.82 22.51 -8.77
C GLN D 188 2.72 21.52 -8.43
N VAL D 189 1.64 22.01 -7.82
CA VAL D 189 0.49 21.18 -7.51
C VAL D 189 -0.73 21.81 -8.17
N THR D 190 -1.43 21.01 -8.98
CA THR D 190 -2.63 21.44 -9.68
C THR D 190 -3.84 20.81 -9.02
N HIS D 191 -4.85 21.65 -8.73
CA HIS D 191 -6.04 21.19 -8.01
C HIS D 191 -7.27 21.77 -8.70
N GLU D 192 -8.09 20.91 -9.28
CA GLU D 192 -9.32 21.31 -9.98
C GLU D 192 -9.05 22.33 -11.08
N GLY D 193 -7.90 22.20 -11.74
CA GLY D 193 -7.52 23.07 -12.83
C GLY D 193 -6.69 24.27 -12.44
N SER D 194 -6.69 24.66 -11.17
CA SER D 194 -5.94 25.82 -10.70
C SER D 194 -4.64 25.32 -10.06
N THR D 195 -3.51 25.82 -10.53
CA THR D 195 -2.20 25.36 -10.09
C THR D 195 -1.57 26.37 -9.14
N VAL D 196 -0.89 25.84 -8.12
CA VAL D 196 -0.13 26.64 -7.17
C VAL D 196 1.32 26.16 -7.21
N GLU D 197 2.26 27.09 -7.02
CA GLU D 197 3.66 26.80 -7.23
C GLU D 197 4.52 27.46 -6.16
N LYS D 198 5.49 26.70 -5.66
CA LYS D 198 6.49 27.19 -4.71
C LYS D 198 7.87 26.78 -5.18
N THR D 199 8.83 27.70 -5.05
CA THR D 199 10.20 27.45 -5.50
C THR D 199 11.17 27.72 -4.36
N VAL D 200 12.23 26.91 -4.29
CA VAL D 200 13.31 27.09 -3.35
C VAL D 200 14.63 27.02 -4.11
N ALA D 201 15.65 27.65 -3.54
CA ALA D 201 16.95 27.79 -4.16
C ALA D 201 18.04 27.44 -3.16
N PRO D 202 19.23 27.04 -3.64
CA PRO D 202 20.35 26.76 -2.72
C PRO D 202 20.76 27.94 -1.86
N THR D 203 20.26 29.14 -2.15
CA THR D 203 20.51 30.33 -1.33
C THR D 203 21.99 30.66 -1.24
#